data_3EWS
#
_entry.id   3EWS
#
_cell.length_a   81.580
_cell.length_b   47.610
_cell.length_c   124.690
_cell.angle_alpha   90.00
_cell.angle_beta   95.40
_cell.angle_gamma   90.00
#
_symmetry.space_group_name_H-M   'P 1 21 1'
#
loop_
_entity.id
_entity.type
_entity.pdbx_description
1 polymer 'ATP-dependent RNA helicase DDX19B'
2 non-polymer "ADENOSINE-5'-DIPHOSPHATE"
3 water water
#
_entity_poly.entity_id   1
_entity_poly.type   'polypeptide(L)'
_entity_poly.pdbx_seq_one_letter_code
;MHHHHHHSSGVDLGTENLYFQSMEDRAAQSLLNKLIRSNLVDNTNQVEVLQRDPNSPLYSVKSFEELRLKPQLLQGVYAM
GFNRPSKIQENALPLMLAEPPQNLIAQSQSGTGKTAAFVLAMLSQVEPANKYPQCLCLSPTYELALQTGKVIEQMGKFYP
ELKLAYAVRGNKLERGQKISEQIVIGTPGTVLDWCSKLKFIDPKKIKVFVLDEADVMIATQGHQDQSIRIQRMLPRNCQM
LLFSATFEDSVWKFAQKVVPDPNVIKLKREEETLDTIKQYYVLCSSRDEKFQALCNLYGAITIAQAMIFCHTRKTASWLA
AELSKEGHQVALLSGEMMVEQRAAVIERFREGKEKVLVTTNVCARGIDVEQVSVVINFDLPVDKDGNPDNETYLHRIGRT
GRFGKRGLAVNMVDSKHSMNILNRIQEHFNKKIERLDTDDLDEIE
;
_entity_poly.pdbx_strand_id   A,B
#
loop_
_chem_comp.id
_chem_comp.type
_chem_comp.name
_chem_comp.formula
ADP non-polymer ADENOSINE-5'-DIPHOSPHATE 'C10 H15 N5 O10 P2'
#
# COMPACT_ATOMS: atom_id res chain seq x y z
N MET A 23 -6.02 5.30 -25.11
CA MET A 23 -6.39 5.65 -23.74
C MET A 23 -6.57 4.41 -22.87
N GLU A 24 -5.86 4.37 -21.75
CA GLU A 24 -5.88 3.21 -20.86
C GLU A 24 -5.90 3.57 -19.37
N ASP A 25 -7.09 3.56 -18.79
CA ASP A 25 -7.28 3.69 -17.34
C ASP A 25 -7.15 2.28 -16.75
N ARG A 26 -6.72 1.35 -17.60
CA ARG A 26 -6.73 -0.08 -17.33
C ARG A 26 -6.17 -0.53 -15.98
N ALA A 27 -5.04 0.06 -15.59
CA ALA A 27 -4.34 -0.40 -14.39
C ALA A 27 -5.21 -0.24 -13.16
N ALA A 28 -5.68 0.97 -12.92
CA ALA A 28 -6.54 1.26 -11.77
C ALA A 28 -7.70 0.29 -11.67
N GLN A 29 -8.38 0.04 -12.79
CA GLN A 29 -9.52 -0.85 -12.79
C GLN A 29 -9.10 -2.27 -12.39
N SER A 30 -8.00 -2.73 -12.96
CA SER A 30 -7.50 -4.06 -12.64
C SER A 30 -7.16 -4.19 -11.15
N LEU A 31 -6.53 -3.16 -10.58
CA LEU A 31 -6.24 -3.15 -9.15
C LEU A 31 -7.51 -3.18 -8.28
N LEU A 32 -8.44 -2.27 -8.55
CA LEU A 32 -9.68 -2.23 -7.78
C LEU A 32 -10.41 -3.57 -7.81
N ASN A 33 -10.47 -4.19 -8.99
CA ASN A 33 -11.14 -5.49 -9.10
C ASN A 33 -10.48 -6.55 -8.24
N LYS A 34 -9.17 -6.47 -8.09
CA LYS A 34 -8.43 -7.39 -7.24
C LYS A 34 -8.62 -7.11 -5.75
N LEU A 35 -8.59 -5.84 -5.39
CA LEU A 35 -8.77 -5.46 -3.99
C LEU A 35 -10.11 -5.93 -3.43
N ILE A 36 -11.14 -5.98 -4.28
CA ILE A 36 -12.48 -6.35 -3.82
C ILE A 36 -12.89 -7.78 -4.15
N ARG A 37 -12.10 -8.46 -4.98
CA ARG A 37 -12.40 -9.85 -5.32
C ARG A 37 -12.29 -10.76 -4.11
N SER A 38 -13.32 -11.56 -3.88
CA SER A 38 -13.35 -12.41 -2.70
C SER A 38 -13.32 -13.89 -3.05
N ASN A 39 -13.68 -14.21 -4.29
CA ASN A 39 -13.77 -15.59 -4.73
C ASN A 39 -13.89 -15.70 -6.24
N LEU A 40 -13.84 -16.92 -6.75
CA LEU A 40 -13.88 -17.15 -8.19
C LEU A 40 -15.18 -16.68 -8.81
N VAL A 41 -15.09 -15.92 -9.88
CA VAL A 41 -16.28 -15.58 -10.66
C VAL A 41 -16.85 -16.87 -11.26
N ASP A 42 -18.17 -16.97 -11.31
CA ASP A 42 -18.80 -18.16 -11.86
C ASP A 42 -18.93 -18.08 -13.37
N ASN A 43 -18.41 -19.09 -14.06
CA ASN A 43 -18.46 -19.16 -15.51
C ASN A 43 -18.95 -20.53 -15.95
N THR A 44 -19.78 -20.56 -16.99
CA THR A 44 -20.42 -21.80 -17.42
C THR A 44 -20.04 -22.19 -18.84
N ASN A 45 -19.43 -21.27 -19.57
CA ASN A 45 -18.85 -21.60 -20.87
C ASN A 45 -17.72 -22.60 -20.69
N GLN A 46 -17.33 -23.26 -21.77
CA GLN A 46 -16.25 -24.25 -21.69
C GLN A 46 -14.92 -23.69 -22.14
N VAL A 47 -13.85 -24.12 -21.48
CA VAL A 47 -12.50 -23.72 -21.86
C VAL A 47 -12.11 -24.26 -23.25
N GLU A 48 -11.58 -23.35 -24.08
CA GLU A 48 -11.07 -23.71 -25.41
C GLU A 48 -9.54 -23.90 -25.36
N VAL A 49 -9.08 -25.11 -25.63
CA VAL A 49 -7.64 -25.39 -25.62
C VAL A 49 -7.11 -25.63 -27.02
N LEU A 50 -6.07 -24.90 -27.40
CA LEU A 50 -5.40 -25.14 -28.68
C LEU A 50 -3.97 -25.66 -28.44
N GLN A 51 -3.88 -26.94 -28.09
CA GLN A 51 -2.59 -27.61 -27.87
C GLN A 51 -1.55 -27.21 -28.92
N ARG A 52 -0.34 -26.91 -28.47
CA ARG A 52 0.76 -26.55 -29.37
C ARG A 52 0.83 -27.51 -30.56
N ASP A 53 0.88 -28.81 -30.26
CA ASP A 53 0.82 -29.85 -31.28
C ASP A 53 -0.62 -30.33 -31.46
N PRO A 54 -1.22 -30.04 -32.62
CA PRO A 54 -2.62 -30.38 -32.88
C PRO A 54 -2.84 -31.89 -32.86
N ASN A 55 -1.74 -32.65 -32.88
CA ASN A 55 -1.81 -34.10 -32.80
C ASN A 55 -2.10 -34.58 -31.38
N SER A 56 -1.22 -34.21 -30.45
CA SER A 56 -1.37 -34.59 -29.05
C SER A 56 -2.78 -34.28 -28.54
N PRO A 57 -3.33 -35.18 -27.71
CA PRO A 57 -4.68 -35.06 -27.17
C PRO A 57 -4.78 -33.96 -26.11
N LEU A 58 -6.01 -33.69 -25.65
CA LEU A 58 -6.24 -32.70 -24.61
C LEU A 58 -6.24 -33.38 -23.24
N TYR A 59 -5.66 -32.71 -22.24
CA TYR A 59 -5.63 -33.29 -20.90
C TYR A 59 -6.09 -32.30 -19.80
N SER A 60 -7.01 -32.77 -18.97
CA SER A 60 -7.60 -31.97 -17.90
C SER A 60 -7.59 -32.72 -16.57
N VAL A 61 -7.60 -31.97 -15.47
CA VAL A 61 -7.69 -32.58 -14.14
C VAL A 61 -8.91 -32.04 -13.40
N LYS A 62 -9.28 -32.72 -12.32
CA LYS A 62 -10.44 -32.32 -11.54
C LYS A 62 -10.08 -32.16 -10.07
N SER A 63 -8.82 -32.39 -9.74
CA SER A 63 -8.34 -32.21 -8.38
C SER A 63 -6.86 -31.88 -8.36
N PHE A 64 -6.41 -31.31 -7.25
CA PHE A 64 -5.01 -30.97 -7.10
C PHE A 64 -4.17 -32.22 -6.90
N GLU A 65 -4.71 -33.16 -6.13
CA GLU A 65 -4.01 -34.42 -5.84
C GLU A 65 -3.51 -35.08 -7.12
N GLU A 66 -4.35 -35.04 -8.15
CA GLU A 66 -4.03 -35.59 -9.45
C GLU A 66 -2.78 -34.96 -10.08
N LEU A 67 -2.33 -33.84 -9.53
CA LEU A 67 -1.20 -33.11 -10.09
C LEU A 67 0.13 -33.41 -9.39
N ARG A 68 0.10 -34.31 -8.40
CA ARG A 68 1.31 -34.66 -7.66
C ARG A 68 2.17 -33.45 -7.37
N LEU A 69 1.64 -32.53 -6.57
CA LEU A 69 2.37 -31.31 -6.22
C LEU A 69 3.32 -31.55 -5.05
N LYS A 70 4.41 -30.80 -5.03
CA LYS A 70 5.33 -30.85 -3.90
C LYS A 70 4.52 -30.68 -2.62
N PRO A 71 4.73 -31.60 -1.66
CA PRO A 71 3.96 -31.65 -0.42
C PRO A 71 3.65 -30.28 0.17
N GLN A 72 4.67 -29.50 0.51
CA GLN A 72 4.45 -28.21 1.17
C GLN A 72 3.67 -27.23 0.29
N LEU A 73 3.78 -27.39 -1.03
CA LEU A 73 3.02 -26.57 -1.97
C LEU A 73 1.53 -26.90 -1.90
N LEU A 74 1.23 -28.19 -1.80
CA LEU A 74 -0.15 -28.64 -1.69
C LEU A 74 -0.72 -28.17 -0.37
N GLN A 75 0.13 -28.17 0.64
CA GLN A 75 -0.24 -27.70 1.97
C GLN A 75 -0.66 -26.23 1.89
N GLY A 76 0.13 -25.43 1.20
CA GLY A 76 -0.17 -24.03 0.99
C GLY A 76 -1.46 -23.79 0.22
N VAL A 77 -1.71 -24.66 -0.76
CA VAL A 77 -2.90 -24.52 -1.60
C VAL A 77 -4.18 -24.72 -0.79
N TYR A 78 -4.20 -25.75 0.04
CA TYR A 78 -5.37 -26.01 0.89
C TYR A 78 -5.50 -24.95 1.97
N ALA A 79 -4.36 -24.53 2.52
CA ALA A 79 -4.35 -23.57 3.62
C ALA A 79 -4.97 -22.23 3.25
N MET A 80 -4.95 -21.89 1.97
CA MET A 80 -5.55 -20.63 1.52
C MET A 80 -6.98 -20.82 1.03
N GLY A 81 -7.52 -22.02 1.24
CA GLY A 81 -8.93 -22.28 1.02
C GLY A 81 -9.34 -22.93 -0.30
N PHE A 82 -8.38 -23.29 -1.15
CA PHE A 82 -8.73 -23.90 -2.43
C PHE A 82 -9.04 -25.38 -2.29
N ASN A 83 -10.26 -25.78 -2.66
CA ASN A 83 -10.66 -27.18 -2.62
C ASN A 83 -10.21 -27.93 -3.86
N ARG A 84 -10.48 -27.35 -5.02
CA ARG A 84 -10.16 -27.97 -6.29
C ARG A 84 -9.79 -26.88 -7.29
N PRO A 85 -9.14 -27.27 -8.39
CA PRO A 85 -8.79 -26.29 -9.41
C PRO A 85 -10.02 -25.67 -10.05
N SER A 86 -9.88 -24.45 -10.57
CA SER A 86 -10.98 -23.77 -11.21
C SER A 86 -11.09 -24.21 -12.67
N LYS A 87 -12.18 -23.82 -13.31
CA LYS A 87 -12.41 -24.12 -14.71
C LYS A 87 -11.14 -23.94 -15.53
N ILE A 88 -10.46 -22.81 -15.36
CA ILE A 88 -9.28 -22.49 -16.15
C ILE A 88 -8.04 -23.27 -15.66
N GLN A 89 -7.94 -23.48 -14.35
CA GLN A 89 -6.80 -24.19 -13.79
C GLN A 89 -6.80 -25.65 -14.25
N GLU A 90 -8.00 -26.23 -14.38
CA GLU A 90 -8.15 -27.59 -14.85
C GLU A 90 -7.36 -27.83 -16.12
N ASN A 91 -7.26 -26.79 -16.95
CA ASN A 91 -6.60 -26.91 -18.24
C ASN A 91 -5.20 -26.30 -18.25
N ALA A 92 -4.95 -25.34 -17.38
CA ALA A 92 -3.66 -24.65 -17.36
C ALA A 92 -2.62 -25.43 -16.57
N LEU A 93 -2.98 -25.81 -15.35
CA LEU A 93 -2.03 -26.48 -14.46
C LEU A 93 -1.32 -27.67 -15.12
N PRO A 94 -2.08 -28.58 -15.75
CA PRO A 94 -1.42 -29.72 -16.41
C PRO A 94 -0.49 -29.28 -17.54
N LEU A 95 -0.88 -28.26 -18.30
CA LEU A 95 -0.04 -27.75 -19.38
C LEU A 95 1.24 -27.12 -18.83
N MET A 96 1.12 -26.44 -17.69
CA MET A 96 2.26 -25.74 -17.11
C MET A 96 3.21 -26.67 -16.36
N LEU A 97 2.69 -27.81 -15.92
CA LEU A 97 3.46 -28.76 -15.13
C LEU A 97 3.97 -29.90 -16.00
N ALA A 98 3.70 -29.81 -17.30
CA ALA A 98 4.18 -30.81 -18.22
C ALA A 98 5.70 -30.78 -18.31
N GLU A 99 6.29 -31.92 -18.64
CA GLU A 99 7.74 -32.04 -18.75
C GLU A 99 8.11 -32.57 -20.13
N PRO A 100 8.95 -31.84 -20.87
CA PRO A 100 9.60 -30.56 -20.52
C PRO A 100 8.61 -29.39 -20.55
N PRO A 101 8.92 -28.33 -19.78
CA PRO A 101 8.05 -27.16 -19.57
C PRO A 101 7.55 -26.55 -20.87
N GLN A 102 6.23 -26.51 -21.04
CA GLN A 102 5.65 -25.94 -22.25
C GLN A 102 5.25 -24.48 -22.03
N ASN A 103 5.27 -23.69 -23.10
CA ASN A 103 4.83 -22.31 -23.05
C ASN A 103 3.31 -22.20 -23.12
N LEU A 104 2.76 -21.13 -22.55
CA LEU A 104 1.32 -21.01 -22.44
C LEU A 104 0.85 -19.57 -22.60
N ILE A 105 -0.20 -19.40 -23.41
CA ILE A 105 -0.95 -18.17 -23.46
C ILE A 105 -2.35 -18.47 -22.97
N ALA A 106 -2.75 -17.84 -21.86
CA ALA A 106 -4.07 -18.07 -21.30
C ALA A 106 -4.88 -16.78 -21.18
N GLN A 107 -6.04 -16.78 -21.82
CA GLN A 107 -6.93 -15.63 -21.77
C GLN A 107 -8.22 -16.04 -21.07
N SER A 108 -8.58 -15.29 -20.03
CA SER A 108 -9.83 -15.52 -19.33
C SER A 108 -10.13 -14.33 -18.44
N GLN A 109 -11.41 -14.01 -18.31
CA GLN A 109 -11.83 -12.86 -17.53
C GLN A 109 -11.26 -12.91 -16.12
N SER A 110 -11.09 -11.75 -15.51
CA SER A 110 -10.47 -11.66 -14.19
C SER A 110 -11.34 -12.31 -13.11
N GLY A 111 -10.68 -12.98 -12.16
CA GLY A 111 -11.38 -13.69 -11.11
C GLY A 111 -11.64 -15.15 -11.45
N THR A 112 -10.93 -15.66 -12.45
CA THR A 112 -11.11 -17.05 -12.86
C THR A 112 -9.95 -17.94 -12.44
N GLY A 113 -8.99 -17.36 -11.73
CA GLY A 113 -7.90 -18.13 -11.13
C GLY A 113 -6.57 -18.12 -11.85
N LYS A 114 -6.35 -17.15 -12.74
CA LYS A 114 -5.10 -17.07 -13.49
C LYS A 114 -3.89 -16.84 -12.61
N THR A 115 -4.01 -15.91 -11.64
CA THR A 115 -2.87 -15.56 -10.79
C THR A 115 -2.51 -16.71 -9.85
N ALA A 116 -3.53 -17.39 -9.31
CA ALA A 116 -3.28 -18.55 -8.47
C ALA A 116 -2.60 -19.64 -9.30
N ALA A 117 -2.95 -19.74 -10.57
CA ALA A 117 -2.37 -20.76 -11.44
C ALA A 117 -0.87 -20.56 -11.62
N PHE A 118 -0.46 -19.42 -12.18
CA PHE A 118 0.94 -19.24 -12.51
C PHE A 118 1.81 -19.11 -11.27
N VAL A 119 1.21 -18.75 -10.15
CA VAL A 119 1.93 -18.71 -8.88
C VAL A 119 2.24 -20.13 -8.44
N LEU A 120 1.27 -21.01 -8.61
CA LEU A 120 1.44 -22.44 -8.39
C LEU A 120 2.55 -22.97 -9.30
N ALA A 121 2.51 -22.54 -10.56
CA ALA A 121 3.52 -22.93 -11.54
C ALA A 121 4.92 -22.56 -11.06
N MET A 122 5.10 -21.28 -10.72
CA MET A 122 6.38 -20.79 -10.23
C MET A 122 6.87 -21.59 -9.03
N LEU A 123 5.99 -21.77 -8.05
CA LEU A 123 6.36 -22.45 -6.81
C LEU A 123 6.74 -23.91 -7.02
N SER A 124 6.29 -24.47 -8.13
CA SER A 124 6.63 -25.84 -8.47
C SER A 124 8.04 -25.96 -9.00
N GLN A 125 8.48 -24.96 -9.75
CA GLN A 125 9.78 -24.99 -10.41
C GLN A 125 10.88 -24.44 -9.53
N VAL A 126 10.52 -23.55 -8.63
CA VAL A 126 11.50 -22.88 -7.79
C VAL A 126 12.15 -23.87 -6.83
N GLU A 127 13.47 -23.89 -6.81
CA GLU A 127 14.22 -24.68 -5.84
C GLU A 127 14.87 -23.76 -4.80
N PRO A 128 14.25 -23.66 -3.61
CA PRO A 128 14.72 -22.76 -2.55
C PRO A 128 16.20 -22.98 -2.19
N ALA A 129 16.72 -24.18 -2.41
CA ALA A 129 18.13 -24.45 -2.15
C ALA A 129 19.01 -23.43 -2.86
N ASN A 130 18.71 -23.18 -4.14
CA ASN A 130 19.46 -22.23 -4.94
C ASN A 130 19.10 -20.78 -4.61
N LYS A 131 20.12 -20.02 -4.21
CA LYS A 131 19.89 -18.65 -3.78
C LYS A 131 20.08 -17.64 -4.91
N TYR A 132 19.28 -17.77 -5.95
CA TYR A 132 19.22 -16.78 -7.01
C TYR A 132 17.84 -16.76 -7.65
N PRO A 133 17.49 -15.67 -8.34
CA PRO A 133 16.20 -15.59 -9.03
C PRO A 133 16.02 -16.73 -10.04
N GLN A 134 14.99 -17.54 -9.80
CA GLN A 134 14.64 -18.64 -10.69
C GLN A 134 13.31 -18.37 -11.38
N CYS A 135 12.50 -17.52 -10.77
CA CYS A 135 11.20 -17.18 -11.34
C CYS A 135 11.05 -15.67 -11.47
N LEU A 136 10.52 -15.24 -12.60
CA LEU A 136 10.40 -13.82 -12.91
C LEU A 136 9.00 -13.49 -13.39
N CYS A 137 8.37 -12.51 -12.76
CA CYS A 137 7.01 -12.12 -13.12
C CYS A 137 6.93 -10.63 -13.41
N LEU A 138 6.40 -10.27 -14.57
CA LEU A 138 6.24 -8.87 -14.91
C LEU A 138 4.80 -8.37 -14.69
N SER A 139 4.66 -7.38 -13.82
CA SER A 139 3.39 -6.70 -13.62
C SER A 139 3.48 -5.33 -14.26
N PRO A 140 2.32 -4.76 -14.62
CA PRO A 140 2.25 -3.45 -15.27
C PRO A 140 2.47 -2.30 -14.28
N THR A 141 2.24 -2.55 -12.99
CA THR A 141 2.48 -1.55 -11.96
C THR A 141 2.89 -2.20 -10.64
N TYR A 142 3.59 -1.44 -9.80
CA TYR A 142 4.01 -1.93 -8.49
C TYR A 142 2.82 -2.38 -7.63
N GLU A 143 1.72 -1.63 -7.68
CA GLU A 143 0.55 -1.94 -6.88
C GLU A 143 -0.07 -3.30 -7.28
N LEU A 144 -0.04 -3.59 -8.57
CA LEU A 144 -0.47 -4.91 -9.06
C LEU A 144 0.58 -5.98 -8.72
N ALA A 145 1.86 -5.61 -8.79
CA ALA A 145 2.93 -6.50 -8.38
C ALA A 145 2.70 -6.95 -6.93
N LEU A 146 2.27 -6.02 -6.09
CA LEU A 146 2.04 -6.33 -4.69
C LEU A 146 0.89 -7.29 -4.48
N GLN A 147 -0.07 -7.28 -5.40
CA GLN A 147 -1.20 -8.20 -5.34
C GLN A 147 -0.75 -9.62 -5.69
N THR A 148 0.08 -9.74 -6.71
CA THR A 148 0.69 -11.03 -7.03
C THR A 148 1.59 -11.46 -5.88
N GLY A 149 2.41 -10.54 -5.40
CA GLY A 149 3.27 -10.77 -4.24
C GLY A 149 2.52 -11.32 -3.05
N LYS A 150 1.28 -10.88 -2.88
CA LYS A 150 0.47 -11.31 -1.75
C LYS A 150 0.17 -12.80 -1.88
N VAL A 151 -0.23 -13.21 -3.07
CA VAL A 151 -0.57 -14.61 -3.33
C VAL A 151 0.62 -15.55 -3.16
N ILE A 152 1.78 -15.11 -3.61
CA ILE A 152 2.99 -15.90 -3.48
C ILE A 152 3.34 -16.14 -2.02
N GLU A 153 3.40 -15.06 -1.24
CA GLU A 153 3.73 -15.17 0.18
C GLU A 153 2.77 -16.12 0.88
N GLN A 154 1.57 -16.24 0.32
CA GLN A 154 0.49 -16.99 0.96
C GLN A 154 0.47 -18.47 0.56
N MET A 155 0.68 -18.75 -0.72
CA MET A 155 0.67 -20.12 -1.20
C MET A 155 2.01 -20.81 -0.86
N GLY A 156 3.06 -20.02 -0.79
CA GLY A 156 4.37 -20.55 -0.47
C GLY A 156 4.79 -20.28 0.96
N LYS A 157 3.81 -20.22 1.86
CA LYS A 157 4.10 -19.89 3.25
C LYS A 157 4.76 -21.05 3.97
N PHE A 158 4.69 -22.24 3.39
CA PHE A 158 5.31 -23.43 3.98
C PHE A 158 6.65 -23.74 3.33
N TYR A 159 7.12 -22.81 2.50
CA TYR A 159 8.51 -22.77 2.07
C TYR A 159 9.24 -21.82 3.00
N PRO A 160 10.09 -22.37 3.88
CA PRO A 160 10.75 -21.53 4.89
C PRO A 160 11.72 -20.54 4.27
N GLU A 161 12.59 -21.01 3.39
CA GLU A 161 13.68 -20.20 2.87
C GLU A 161 13.28 -19.35 1.66
N LEU A 162 12.00 -19.34 1.33
CA LEU A 162 11.55 -18.60 0.16
C LEU A 162 11.37 -17.11 0.45
N LYS A 163 12.09 -16.29 -0.31
CA LYS A 163 12.00 -14.84 -0.17
C LYS A 163 11.61 -14.21 -1.50
N LEU A 164 11.15 -12.96 -1.44
CA LEU A 164 10.57 -12.29 -2.60
C LEU A 164 11.22 -10.93 -2.84
N ALA A 165 11.47 -10.59 -4.10
CA ALA A 165 12.07 -9.30 -4.42
C ALA A 165 11.20 -8.50 -5.39
N TYR A 166 11.06 -7.20 -5.16
CA TYR A 166 10.29 -6.34 -6.04
C TYR A 166 11.19 -5.48 -6.91
N ALA A 167 11.33 -5.85 -8.16
CA ALA A 167 12.12 -5.06 -9.11
C ALA A 167 11.28 -3.90 -9.65
N VAL A 168 11.07 -2.89 -8.82
CA VAL A 168 10.24 -1.74 -9.16
C VAL A 168 11.00 -0.42 -9.05
N ARG A 169 10.58 0.59 -9.80
CA ARG A 169 11.21 1.91 -9.78
C ARG A 169 11.43 2.46 -8.36
N GLY A 170 10.60 2.02 -7.42
CA GLY A 170 10.69 2.48 -6.05
C GLY A 170 11.83 1.86 -5.26
N ASN A 171 12.28 0.68 -5.68
CA ASN A 171 13.32 -0.02 -4.94
C ASN A 171 14.70 0.63 -5.08
N LYS A 172 15.28 0.99 -3.95
CA LYS A 172 16.46 1.85 -3.93
C LYS A 172 17.75 1.05 -3.82
N LEU A 173 17.78 -0.08 -4.50
CA LEU A 173 18.93 -0.98 -4.44
C LEU A 173 20.18 -0.33 -5.02
N GLU A 174 21.21 -0.25 -4.19
CA GLU A 174 22.49 0.31 -4.58
C GLU A 174 23.28 -0.71 -5.37
N ARG A 175 24.01 -0.24 -6.39
CA ARG A 175 24.84 -1.13 -7.18
C ARG A 175 25.65 -2.06 -6.27
N GLY A 176 25.69 -3.34 -6.62
CA GLY A 176 26.40 -4.32 -5.83
C GLY A 176 26.18 -5.75 -6.29
N GLN A 177 26.34 -6.70 -5.37
CA GLN A 177 26.21 -8.12 -5.70
C GLN A 177 24.81 -8.49 -6.16
N LYS A 178 24.68 -9.64 -6.81
CA LYS A 178 23.39 -10.14 -7.29
C LYS A 178 22.47 -10.45 -6.10
N ILE A 179 21.17 -10.25 -6.30
CA ILE A 179 20.21 -10.52 -5.25
C ILE A 179 20.03 -12.02 -5.06
N SER A 180 19.55 -12.42 -3.89
CA SER A 180 19.46 -13.84 -3.52
C SER A 180 18.03 -14.36 -3.43
N GLU A 181 17.04 -13.51 -3.70
CA GLU A 181 15.64 -13.92 -3.72
C GLU A 181 15.35 -14.84 -4.90
N GLN A 182 14.72 -15.98 -4.63
CA GLN A 182 14.43 -16.94 -5.68
C GLN A 182 13.35 -16.44 -6.63
N ILE A 183 12.47 -15.57 -6.13
CA ILE A 183 11.42 -15.01 -6.97
C ILE A 183 11.46 -13.50 -7.07
N VAL A 184 11.44 -13.00 -8.30
CA VAL A 184 11.34 -11.57 -8.55
C VAL A 184 10.05 -11.19 -9.28
N ILE A 185 9.35 -10.20 -8.75
CA ILE A 185 8.22 -9.58 -9.42
C ILE A 185 8.58 -8.13 -9.60
N GLY A 186 8.09 -7.50 -10.67
CA GLY A 186 8.43 -6.13 -10.94
C GLY A 186 7.95 -5.59 -12.27
N THR A 187 8.23 -4.32 -12.52
CA THR A 187 7.77 -3.64 -13.73
C THR A 187 8.85 -3.65 -14.82
N PRO A 188 8.42 -3.81 -16.08
CA PRO A 188 9.35 -4.00 -17.20
C PRO A 188 10.60 -3.13 -17.16
N GLY A 189 10.44 -1.84 -16.94
CA GLY A 189 11.56 -0.91 -16.95
C GLY A 189 12.65 -1.28 -15.96
N THR A 190 12.27 -1.49 -14.71
CA THR A 190 13.24 -1.82 -13.67
C THR A 190 13.81 -3.22 -13.86
N VAL A 191 12.97 -4.16 -14.25
CA VAL A 191 13.40 -5.55 -14.44
C VAL A 191 14.47 -5.67 -15.53
N LEU A 192 14.28 -4.98 -16.64
CA LEU A 192 15.25 -5.00 -17.72
C LEU A 192 16.62 -4.55 -17.24
N ASP A 193 16.65 -3.47 -16.46
CA ASP A 193 17.92 -2.96 -15.92
C ASP A 193 18.60 -4.00 -15.03
N TRP A 194 17.83 -4.59 -14.13
CA TRP A 194 18.34 -5.61 -13.21
C TRP A 194 18.94 -6.81 -13.93
N CYS A 195 18.40 -7.11 -15.10
CA CYS A 195 18.83 -8.26 -15.89
C CYS A 195 19.99 -7.91 -16.81
N SER A 196 20.18 -6.62 -17.05
CA SER A 196 21.26 -6.16 -17.91
C SER A 196 22.21 -5.21 -17.20
N LYS A 197 22.05 -3.91 -17.45
CA LYS A 197 22.97 -2.88 -16.95
C LYS A 197 23.44 -3.04 -15.50
N LEU A 198 22.51 -3.13 -14.56
CA LEU A 198 22.86 -3.14 -13.14
C LEU A 198 23.25 -4.52 -12.65
N LYS A 199 23.09 -5.52 -13.52
CA LYS A 199 23.48 -6.89 -13.20
C LYS A 199 23.08 -7.33 -11.80
N PHE A 200 21.79 -7.25 -11.49
CA PHE A 200 21.30 -7.75 -10.21
C PHE A 200 20.77 -9.16 -10.38
N ILE A 201 20.47 -9.51 -11.63
CA ILE A 201 19.89 -10.81 -11.97
C ILE A 201 20.62 -11.43 -13.15
N ASP A 202 20.89 -12.73 -13.07
CA ASP A 202 21.36 -13.48 -14.21
C ASP A 202 20.15 -14.07 -14.94
N PRO A 203 19.80 -13.48 -16.10
CA PRO A 203 18.57 -13.87 -16.82
C PRO A 203 18.64 -15.32 -17.31
N LYS A 204 19.86 -15.80 -17.57
CA LYS A 204 20.03 -17.14 -18.10
C LYS A 204 19.75 -18.23 -17.06
N LYS A 205 19.47 -17.82 -15.83
CA LYS A 205 19.17 -18.78 -14.79
C LYS A 205 17.69 -18.83 -14.46
N ILE A 206 16.90 -18.02 -15.16
CA ILE A 206 15.45 -18.01 -14.97
C ILE A 206 14.79 -19.25 -15.57
N LYS A 207 14.05 -19.98 -14.74
CA LYS A 207 13.32 -21.16 -15.18
C LYS A 207 11.90 -20.81 -15.65
N VAL A 208 11.26 -19.84 -15.00
CA VAL A 208 9.89 -19.46 -15.32
C VAL A 208 9.69 -17.95 -15.46
N PHE A 209 9.11 -17.56 -16.59
CA PHE A 209 8.85 -16.15 -16.89
C PHE A 209 7.34 -15.95 -17.08
N VAL A 210 6.75 -15.07 -16.27
CA VAL A 210 5.32 -14.77 -16.39
C VAL A 210 5.09 -13.33 -16.81
N LEU A 211 4.24 -13.16 -17.80
CA LEU A 211 3.80 -11.84 -18.19
C LEU A 211 2.34 -11.68 -17.79
N ASP A 212 2.11 -10.95 -16.69
CA ASP A 212 0.79 -10.83 -16.11
C ASP A 212 0.01 -9.63 -16.70
N GLU A 213 -1.32 -9.73 -16.70
CA GLU A 213 -2.19 -8.63 -17.13
C GLU A 213 -1.79 -8.09 -18.50
N ALA A 214 -1.56 -8.96 -19.48
CA ALA A 214 -1.11 -8.50 -20.79
C ALA A 214 -2.01 -7.38 -21.33
N ASP A 215 -3.31 -7.52 -21.11
CA ASP A 215 -4.28 -6.54 -21.60
C ASP A 215 -4.03 -5.16 -21.00
N VAL A 216 -3.35 -5.13 -19.86
CA VAL A 216 -3.02 -3.89 -19.17
C VAL A 216 -1.64 -3.37 -19.58
N MET A 217 -0.72 -4.29 -19.84
CA MET A 217 0.66 -3.90 -20.14
C MET A 217 0.84 -3.31 -21.54
N ILE A 218 -0.02 -3.68 -22.47
CA ILE A 218 0.07 -3.13 -23.82
C ILE A 218 -0.24 -1.64 -23.82
N ALA A 219 -0.79 -1.14 -22.72
CA ALA A 219 -1.19 0.26 -22.59
C ALA A 219 -0.05 1.24 -22.88
N THR A 220 1.14 0.93 -22.40
CA THR A 220 2.33 1.72 -22.70
C THR A 220 3.16 1.03 -23.76
N GLN A 221 3.39 1.71 -24.87
CA GLN A 221 4.30 1.20 -25.88
C GLN A 221 5.61 0.79 -25.24
N GLY A 222 6.04 1.57 -24.25
CA GLY A 222 7.25 1.29 -23.51
C GLY A 222 7.22 -0.08 -22.87
N HIS A 223 6.11 -0.38 -22.20
CA HIS A 223 5.99 -1.66 -21.52
C HIS A 223 6.15 -2.85 -22.49
N GLN A 224 5.63 -2.71 -23.71
CA GLN A 224 5.77 -3.75 -24.70
C GLN A 224 7.23 -3.98 -25.05
N ASP A 225 7.87 -2.95 -25.60
CA ASP A 225 9.26 -3.07 -26.04
C ASP A 225 10.16 -3.60 -24.94
N GLN A 226 9.97 -3.13 -23.71
CA GLN A 226 10.77 -3.58 -22.59
C GLN A 226 10.54 -5.05 -22.27
N SER A 227 9.28 -5.49 -22.35
CA SER A 227 8.95 -6.88 -22.06
C SER A 227 9.59 -7.83 -23.07
N ILE A 228 9.43 -7.52 -24.35
CA ILE A 228 10.07 -8.25 -25.43
C ILE A 228 11.58 -8.35 -25.21
N ARG A 229 12.21 -7.21 -24.90
CA ARG A 229 13.65 -7.16 -24.75
C ARG A 229 14.13 -7.93 -23.54
N ILE A 230 13.25 -8.14 -22.57
CA ILE A 230 13.57 -8.97 -21.42
C ILE A 230 13.42 -10.44 -21.80
N GLN A 231 12.33 -10.74 -22.49
CA GLN A 231 12.02 -12.11 -22.88
C GLN A 231 13.13 -12.71 -23.74
N ARG A 232 13.84 -11.87 -24.46
CA ARG A 232 14.93 -12.32 -25.34
C ARG A 232 16.22 -12.71 -24.58
N MET A 233 16.34 -12.25 -23.34
CA MET A 233 17.52 -12.56 -22.55
C MET A 233 17.41 -13.89 -21.82
N LEU A 234 16.22 -14.48 -21.86
CA LEU A 234 15.97 -15.72 -21.15
C LEU A 234 16.51 -16.94 -21.91
N PRO A 235 16.80 -18.03 -21.19
CA PRO A 235 17.18 -19.26 -21.87
C PRO A 235 16.04 -19.70 -22.76
N ARG A 236 16.35 -20.33 -23.90
CA ARG A 236 15.32 -20.71 -24.87
C ARG A 236 14.36 -21.78 -24.35
N ASN A 237 14.77 -22.48 -23.30
CA ASN A 237 13.92 -23.51 -22.71
C ASN A 237 13.23 -23.02 -21.44
N CYS A 238 13.37 -21.72 -21.16
CA CYS A 238 12.62 -21.10 -20.09
C CYS A 238 11.13 -21.19 -20.40
N GLN A 239 10.33 -21.50 -19.40
CA GLN A 239 8.89 -21.58 -19.59
C GLN A 239 8.27 -20.17 -19.64
N MET A 240 7.66 -19.83 -20.78
CA MET A 240 7.01 -18.53 -20.95
C MET A 240 5.52 -18.65 -20.75
N LEU A 241 4.99 -17.88 -19.82
CA LEU A 241 3.56 -17.86 -19.56
C LEU A 241 3.05 -16.42 -19.66
N LEU A 242 2.01 -16.21 -20.47
CA LEU A 242 1.38 -14.90 -20.56
C LEU A 242 -0.12 -15.02 -20.34
N PHE A 243 -0.64 -14.18 -19.45
CA PHE A 243 -2.04 -14.24 -19.07
C PHE A 243 -2.72 -12.93 -19.40
N SER A 244 -3.99 -13.00 -19.75
CA SER A 244 -4.71 -11.82 -20.16
C SER A 244 -6.22 -12.01 -19.95
N ALA A 245 -6.91 -10.93 -19.67
CA ALA A 245 -8.37 -10.99 -19.52
C ALA A 245 -9.06 -10.99 -20.87
N THR A 246 -8.54 -10.19 -21.80
CA THR A 246 -9.14 -10.03 -23.12
C THR A 246 -8.13 -10.28 -24.22
N PHE A 247 -8.64 -10.55 -25.42
CA PHE A 247 -7.79 -10.76 -26.57
C PHE A 247 -8.05 -9.78 -27.70
N GLU A 248 -7.93 -8.50 -27.41
CA GLU A 248 -7.97 -7.52 -28.49
C GLU A 248 -6.85 -7.86 -29.45
N ASP A 249 -7.05 -7.58 -30.74
CA ASP A 249 -6.04 -7.85 -31.75
C ASP A 249 -4.64 -7.45 -31.25
N SER A 250 -4.58 -6.33 -30.54
CA SER A 250 -3.30 -5.81 -30.05
C SER A 250 -2.67 -6.74 -29.00
N VAL A 251 -3.50 -7.30 -28.12
CA VAL A 251 -3.03 -8.21 -27.10
C VAL A 251 -2.48 -9.47 -27.75
N TRP A 252 -3.18 -9.95 -28.77
CA TRP A 252 -2.84 -11.17 -29.47
C TRP A 252 -1.50 -11.08 -30.21
N LYS A 253 -1.31 -10.00 -30.96
CA LYS A 253 -0.11 -9.86 -31.76
C LYS A 253 1.12 -9.63 -30.87
N PHE A 254 0.88 -9.14 -29.66
CA PHE A 254 1.96 -8.95 -28.69
C PHE A 254 2.35 -10.27 -28.07
N ALA A 255 1.35 -11.05 -27.67
CA ALA A 255 1.57 -12.36 -27.07
C ALA A 255 2.41 -13.24 -27.99
N GLN A 256 2.11 -13.18 -29.28
CA GLN A 256 2.82 -13.97 -30.27
C GLN A 256 4.32 -13.62 -30.33
N LYS A 257 4.65 -12.40 -29.92
CA LYS A 257 6.03 -11.94 -29.94
C LYS A 257 6.79 -12.25 -28.65
N VAL A 258 6.05 -12.58 -27.59
CA VAL A 258 6.64 -12.84 -26.29
C VAL A 258 6.69 -14.33 -25.95
N VAL A 259 5.69 -15.07 -26.40
CA VAL A 259 5.55 -16.48 -26.02
C VAL A 259 5.60 -17.40 -27.25
N PRO A 260 6.80 -17.89 -27.58
CA PRO A 260 7.02 -18.75 -28.75
C PRO A 260 6.52 -20.18 -28.51
N ASP A 261 5.96 -20.80 -29.53
CA ASP A 261 5.45 -22.17 -29.44
C ASP A 261 4.43 -22.32 -28.30
N PRO A 262 3.33 -21.57 -28.39
CA PRO A 262 2.39 -21.48 -27.28
C PRO A 262 1.22 -22.45 -27.38
N ASN A 263 0.94 -23.15 -26.29
CA ASN A 263 -0.40 -23.67 -26.07
C ASN A 263 -1.28 -22.47 -25.75
N VAL A 264 -2.51 -22.48 -26.25
CA VAL A 264 -3.41 -21.35 -26.05
C VAL A 264 -4.69 -21.79 -25.35
N ILE A 265 -4.93 -21.24 -24.17
CA ILE A 265 -6.19 -21.45 -23.45
C ILE A 265 -7.07 -20.19 -23.59
N LYS A 266 -8.31 -20.38 -23.99
CA LYS A 266 -9.28 -19.27 -24.06
C LYS A 266 -10.56 -19.63 -23.31
N LEU A 267 -11.02 -18.74 -22.43
CA LEU A 267 -12.32 -18.90 -21.80
C LEU A 267 -13.19 -17.69 -22.10
N LYS A 268 -14.32 -17.92 -22.74
CA LYS A 268 -15.21 -16.83 -23.15
C LYS A 268 -15.87 -16.19 -21.94
N ARG A 269 -15.84 -14.87 -21.91
CA ARG A 269 -16.43 -14.10 -20.81
C ARG A 269 -17.92 -14.43 -20.67
N GLU A 270 -18.38 -14.58 -19.44
CA GLU A 270 -19.80 -14.83 -19.20
C GLU A 270 -20.69 -13.78 -19.86
N GLU A 271 -21.78 -14.24 -20.47
CA GLU A 271 -22.69 -13.39 -21.20
C GLU A 271 -23.77 -12.81 -20.29
N GLU A 272 -23.76 -11.49 -20.11
CA GLU A 272 -24.75 -10.81 -19.28
C GLU A 272 -26.14 -10.91 -19.91
N THR A 273 -27.18 -10.94 -19.08
CA THR A 273 -28.53 -11.17 -19.59
C THR A 273 -29.58 -10.21 -19.02
N LEU A 274 -30.27 -9.52 -19.92
CA LEU A 274 -31.32 -8.57 -19.52
C LEU A 274 -32.69 -9.23 -19.42
N ASP A 275 -32.72 -10.56 -19.43
CA ASP A 275 -33.99 -11.28 -19.46
C ASP A 275 -34.80 -11.13 -18.18
N THR A 276 -34.11 -10.96 -17.06
CA THR A 276 -34.76 -10.92 -15.76
C THR A 276 -34.78 -9.51 -15.17
N ILE A 277 -34.65 -8.50 -16.03
CA ILE A 277 -34.52 -7.12 -15.59
C ILE A 277 -35.63 -6.21 -16.13
N LYS A 278 -36.15 -5.35 -15.26
CA LYS A 278 -37.15 -4.38 -15.65
C LYS A 278 -36.52 -3.03 -15.99
N GLN A 279 -36.73 -2.58 -17.22
CA GLN A 279 -36.15 -1.33 -17.71
C GLN A 279 -37.18 -0.23 -17.85
N TYR A 280 -36.96 0.88 -17.15
CA TYR A 280 -37.82 2.03 -17.24
C TYR A 280 -37.03 3.24 -17.66
N TYR A 281 -37.72 4.27 -18.10
CA TYR A 281 -37.07 5.57 -18.25
C TYR A 281 -38.02 6.68 -17.82
N VAL A 282 -37.46 7.77 -17.33
CA VAL A 282 -38.27 8.90 -16.91
C VAL A 282 -37.91 10.12 -17.74
N LEU A 283 -38.94 10.85 -18.16
CA LEU A 283 -38.73 12.04 -18.96
C LEU A 283 -38.63 13.27 -18.06
N CYS A 284 -37.56 14.03 -18.24
CA CYS A 284 -37.29 15.21 -17.43
C CYS A 284 -36.85 16.34 -18.35
N SER A 285 -36.73 17.53 -17.78
CA SER A 285 -36.42 18.71 -18.58
C SER A 285 -35.15 19.37 -18.10
N SER A 286 -34.73 19.02 -16.88
CA SER A 286 -33.57 19.64 -16.26
C SER A 286 -32.98 18.67 -15.27
N ARG A 287 -31.76 18.97 -14.84
CA ARG A 287 -31.13 18.20 -13.79
C ARG A 287 -31.95 18.29 -12.50
N ASP A 288 -32.50 19.48 -12.23
CA ASP A 288 -33.34 19.67 -11.04
C ASP A 288 -34.58 18.79 -11.06
N GLU A 289 -35.10 18.48 -12.24
CA GLU A 289 -36.21 17.53 -12.35
C GLU A 289 -35.74 16.08 -12.23
N LYS A 290 -34.58 15.75 -12.80
CA LYS A 290 -34.05 14.41 -12.63
C LYS A 290 -33.88 14.12 -11.14
N PHE A 291 -33.44 15.14 -10.40
CA PHE A 291 -33.29 14.98 -8.96
C PHE A 291 -34.63 14.75 -8.26
N GLN A 292 -35.69 15.37 -8.76
CA GLN A 292 -37.00 15.20 -8.13
C GLN A 292 -37.63 13.87 -8.50
N ALA A 293 -37.46 13.45 -9.75
CA ALA A 293 -37.90 12.13 -10.18
C ALA A 293 -37.33 11.10 -9.22
N LEU A 294 -36.03 11.25 -8.94
CA LEU A 294 -35.31 10.35 -8.07
C LEU A 294 -35.81 10.39 -6.62
N CYS A 295 -36.01 11.59 -6.09
CA CYS A 295 -36.56 11.72 -4.74
C CYS A 295 -37.92 11.05 -4.67
N ASN A 296 -38.73 11.24 -5.71
CA ASN A 296 -40.01 10.55 -5.80
C ASN A 296 -39.82 9.05 -5.73
N LEU A 297 -38.80 8.56 -6.43
CA LEU A 297 -38.50 7.12 -6.47
C LEU A 297 -38.18 6.58 -5.07
N TYR A 298 -37.43 7.36 -4.30
CA TYR A 298 -37.20 7.05 -2.89
C TYR A 298 -38.53 7.04 -2.15
N GLY A 299 -39.42 7.94 -2.55
CA GLY A 299 -40.71 8.09 -1.91
C GLY A 299 -41.58 6.86 -2.05
N ALA A 300 -41.39 6.15 -3.17
CA ALA A 300 -42.23 5.00 -3.47
C ALA A 300 -41.61 3.69 -2.99
N ILE A 301 -40.53 3.28 -3.63
CA ILE A 301 -39.90 2.02 -3.29
C ILE A 301 -38.70 2.28 -2.40
N THR A 302 -38.34 1.29 -1.60
CA THR A 302 -37.17 1.43 -0.75
C THR A 302 -35.92 1.18 -1.57
N ILE A 303 -35.11 2.21 -1.71
CA ILE A 303 -33.92 2.12 -2.55
C ILE A 303 -32.73 1.57 -1.75
N ALA A 304 -32.23 0.44 -2.21
CA ALA A 304 -31.21 -0.30 -1.49
C ALA A 304 -30.46 -1.20 -2.45
N GLN A 305 -29.19 -1.46 -2.16
CA GLN A 305 -28.36 -2.23 -3.07
C GLN A 305 -28.37 -1.58 -4.45
N ALA A 306 -28.31 -0.26 -4.48
CA ALA A 306 -28.46 0.45 -5.75
C ALA A 306 -27.25 1.30 -6.10
N MET A 307 -27.02 1.48 -7.40
CA MET A 307 -25.95 2.34 -7.85
C MET A 307 -26.50 3.41 -8.76
N ILE A 308 -26.07 4.65 -8.54
CA ILE A 308 -26.47 5.76 -9.39
C ILE A 308 -25.28 6.30 -10.18
N PHE A 309 -25.41 6.29 -11.51
CA PHE A 309 -24.32 6.68 -12.38
C PHE A 309 -24.49 8.09 -12.93
N CYS A 310 -23.48 8.93 -12.70
CA CYS A 310 -23.45 10.27 -13.25
C CYS A 310 -22.30 10.38 -14.24
N HIS A 311 -22.36 11.39 -15.10
CA HIS A 311 -21.33 11.56 -16.12
C HIS A 311 -20.04 12.12 -15.54
N THR A 312 -20.14 13.24 -14.84
CA THR A 312 -18.95 13.91 -14.34
C THR A 312 -18.80 13.80 -12.82
N ARG A 313 -17.58 13.99 -12.35
CA ARG A 313 -17.33 14.03 -10.93
C ARG A 313 -18.09 15.19 -10.30
N LYS A 314 -18.26 16.26 -11.07
CA LYS A 314 -19.01 17.42 -10.57
C LYS A 314 -20.46 17.04 -10.29
N THR A 315 -21.10 16.34 -11.22
CA THR A 315 -22.48 15.89 -11.03
C THR A 315 -22.61 14.92 -9.85
N ALA A 316 -21.73 13.92 -9.79
CA ALA A 316 -21.78 12.91 -8.73
C ALA A 316 -21.72 13.52 -7.33
N SER A 317 -20.76 14.41 -7.09
CA SER A 317 -20.62 15.03 -5.77
C SER A 317 -21.82 15.94 -5.46
N TRP A 318 -22.36 16.57 -6.49
CA TRP A 318 -23.55 17.41 -6.32
C TRP A 318 -24.76 16.57 -5.95
N LEU A 319 -24.97 15.49 -6.70
CA LEU A 319 -26.07 14.59 -6.44
C LEU A 319 -26.00 14.04 -5.02
N ALA A 320 -24.81 13.61 -4.63
CA ALA A 320 -24.63 12.99 -3.31
C ALA A 320 -24.89 13.99 -2.20
N ALA A 321 -24.43 15.23 -2.41
CA ALA A 321 -24.68 16.30 -1.45
C ALA A 321 -26.18 16.59 -1.35
N GLU A 322 -26.84 16.69 -2.49
CA GLU A 322 -28.27 16.98 -2.53
C GLU A 322 -29.09 15.88 -1.85
N LEU A 323 -28.75 14.62 -2.11
CA LEU A 323 -29.42 13.50 -1.47
C LEU A 323 -29.24 13.50 0.04
N SER A 324 -28.01 13.75 0.49
CA SER A 324 -27.71 13.77 1.92
C SER A 324 -28.58 14.83 2.60
N LYS A 325 -28.67 15.99 1.95
CA LYS A 325 -29.49 17.10 2.43
C LYS A 325 -30.95 16.68 2.56
N GLU A 326 -31.42 15.86 1.62
CA GLU A 326 -32.81 15.41 1.63
C GLU A 326 -33.01 14.30 2.67
N GLY A 327 -31.93 13.87 3.30
CA GLY A 327 -32.00 12.87 4.34
C GLY A 327 -31.64 11.46 3.88
N HIS A 328 -31.08 11.36 2.67
CA HIS A 328 -30.68 10.06 2.16
C HIS A 328 -29.17 9.86 2.23
N GLN A 329 -28.74 8.88 3.01
CA GLN A 329 -27.32 8.55 3.11
C GLN A 329 -26.86 7.79 1.87
N VAL A 330 -25.85 8.32 1.19
CA VAL A 330 -25.26 7.64 0.06
C VAL A 330 -23.75 7.65 0.13
N ALA A 331 -23.11 6.66 -0.49
CA ALA A 331 -21.66 6.65 -0.58
C ALA A 331 -21.23 7.14 -1.95
N LEU A 332 -20.27 8.04 -1.95
CA LEU A 332 -19.72 8.60 -3.18
C LEU A 332 -18.53 7.76 -3.64
N LEU A 333 -18.38 7.63 -4.95
CA LEU A 333 -17.30 6.85 -5.53
C LEU A 333 -16.73 7.63 -6.71
N SER A 334 -15.79 8.53 -6.44
CA SER A 334 -15.19 9.31 -7.51
C SER A 334 -13.66 9.27 -7.50
N GLY A 335 -13.07 9.74 -8.61
CA GLY A 335 -11.66 9.52 -8.89
C GLY A 335 -10.64 10.18 -7.98
N GLU A 336 -11.06 11.12 -7.16
CA GLU A 336 -10.13 11.75 -6.23
C GLU A 336 -9.82 10.80 -5.07
N MET A 337 -10.59 9.74 -4.94
CA MET A 337 -10.33 8.72 -3.93
C MET A 337 -9.25 7.77 -4.43
N MET A 338 -8.31 7.42 -3.55
CA MET A 338 -7.33 6.39 -3.87
C MET A 338 -8.09 5.08 -4.11
N VAL A 339 -7.53 4.19 -4.92
CA VAL A 339 -8.19 2.90 -5.20
C VAL A 339 -8.58 2.16 -3.92
N GLU A 340 -7.73 2.21 -2.91
CA GLU A 340 -7.99 1.48 -1.68
C GLU A 340 -9.22 2.03 -0.97
N GLN A 341 -9.47 3.33 -1.17
CA GLN A 341 -10.63 3.99 -0.60
C GLN A 341 -11.90 3.54 -1.30
N ARG A 342 -11.84 3.48 -2.62
CA ARG A 342 -12.96 2.98 -3.39
C ARG A 342 -13.25 1.54 -3.04
N ALA A 343 -12.20 0.80 -2.68
CA ALA A 343 -12.37 -0.60 -2.31
C ALA A 343 -13.11 -0.71 -0.99
N ALA A 344 -12.75 0.15 -0.05
CA ALA A 344 -13.36 0.17 1.27
C ALA A 344 -14.84 0.55 1.19
N VAL A 345 -15.17 1.57 0.39
CA VAL A 345 -16.55 1.94 0.14
C VAL A 345 -17.31 0.77 -0.47
N ILE A 346 -16.79 0.23 -1.56
CA ILE A 346 -17.44 -0.89 -2.24
C ILE A 346 -17.70 -2.05 -1.28
N GLU A 347 -16.75 -2.34 -0.40
CA GLU A 347 -16.95 -3.43 0.55
C GLU A 347 -18.02 -3.12 1.61
N ARG A 348 -18.11 -1.86 2.02
CA ARG A 348 -19.18 -1.47 2.92
C ARG A 348 -20.53 -1.60 2.21
N PHE A 349 -20.55 -1.28 0.93
CA PHE A 349 -21.75 -1.41 0.13
C PHE A 349 -22.21 -2.87 0.03
N ARG A 350 -21.25 -3.79 -0.04
CA ARG A 350 -21.58 -5.20 -0.13
C ARG A 350 -22.17 -5.73 1.17
N GLU A 351 -21.60 -5.31 2.30
CA GLU A 351 -22.08 -5.76 3.61
C GLU A 351 -23.42 -5.14 3.97
N GLY A 352 -23.90 -4.23 3.13
CA GLY A 352 -25.17 -3.56 3.37
C GLY A 352 -25.04 -2.39 4.33
N LYS A 353 -23.81 -2.11 4.77
CA LYS A 353 -23.58 -0.95 5.62
C LYS A 353 -23.89 0.33 4.86
N GLU A 354 -23.79 0.26 3.53
CA GLU A 354 -24.20 1.35 2.66
C GLU A 354 -25.30 0.86 1.70
N LYS A 355 -26.35 1.66 1.53
CA LYS A 355 -27.49 1.22 0.75
C LYS A 355 -27.41 1.70 -0.70
N VAL A 356 -26.79 2.86 -0.90
CA VAL A 356 -26.76 3.47 -2.22
C VAL A 356 -25.38 4.03 -2.55
N LEU A 357 -24.96 3.78 -3.79
CA LEU A 357 -23.65 4.17 -4.25
C LEU A 357 -23.77 5.14 -5.39
N VAL A 358 -23.26 6.36 -5.20
CA VAL A 358 -23.23 7.32 -6.29
C VAL A 358 -21.86 7.30 -6.93
N THR A 359 -21.82 7.13 -8.25
CA THR A 359 -20.56 6.94 -8.91
C THR A 359 -20.51 7.63 -10.26
N THR A 360 -19.31 8.00 -10.69
CA THR A 360 -19.09 8.45 -12.05
C THR A 360 -18.99 7.23 -12.94
N ASN A 361 -19.08 7.42 -14.25
CA ASN A 361 -18.96 6.32 -15.18
C ASN A 361 -17.58 5.67 -15.11
N VAL A 362 -16.55 6.51 -15.25
CA VAL A 362 -15.19 6.02 -15.29
C VAL A 362 -14.77 5.24 -14.03
N CYS A 363 -15.18 5.73 -12.86
CA CYS A 363 -14.85 5.06 -11.62
C CYS A 363 -15.42 3.64 -11.51
N ALA A 364 -16.52 3.39 -12.20
CA ALA A 364 -17.20 2.11 -12.09
C ALA A 364 -17.00 1.19 -13.30
N ARG A 365 -16.45 1.76 -14.38
CA ARG A 365 -16.24 1.03 -15.62
C ARG A 365 -15.46 -0.27 -15.43
N GLY A 366 -16.11 -1.39 -15.65
CA GLY A 366 -15.46 -2.68 -15.58
C GLY A 366 -15.43 -3.27 -14.18
N ILE A 367 -15.62 -2.42 -13.19
CA ILE A 367 -15.58 -2.88 -11.81
C ILE A 367 -16.72 -3.84 -11.50
N ASP A 368 -16.35 -5.00 -10.95
CA ASP A 368 -17.31 -6.03 -10.58
C ASP A 368 -17.86 -5.76 -9.18
N VAL A 369 -18.68 -4.72 -9.04
CA VAL A 369 -19.39 -4.51 -7.78
C VAL A 369 -20.51 -5.54 -7.65
N GLU A 370 -20.58 -6.19 -6.49
CA GLU A 370 -21.60 -7.21 -6.27
C GLU A 370 -22.77 -6.65 -5.48
N GLN A 371 -23.81 -7.46 -5.29
CA GLN A 371 -24.95 -7.05 -4.49
C GLN A 371 -25.59 -5.75 -5.01
N VAL A 372 -25.92 -5.73 -6.29
CA VAL A 372 -26.55 -4.57 -6.91
C VAL A 372 -27.84 -4.98 -7.58
N SER A 373 -28.97 -4.66 -6.96
CA SER A 373 -30.26 -5.03 -7.55
C SER A 373 -30.88 -3.90 -8.37
N VAL A 374 -30.49 -2.66 -8.07
CA VAL A 374 -31.08 -1.49 -8.71
C VAL A 374 -30.05 -0.54 -9.34
N VAL A 375 -30.24 -0.22 -10.61
CA VAL A 375 -29.37 0.73 -11.28
C VAL A 375 -30.13 1.98 -11.72
N ILE A 376 -29.54 3.13 -11.44
CA ILE A 376 -30.11 4.41 -11.83
C ILE A 376 -29.11 5.16 -12.70
N ASN A 377 -29.38 5.21 -13.99
CA ASN A 377 -28.55 6.00 -14.89
C ASN A 377 -29.00 7.45 -14.87
N PHE A 378 -28.42 8.22 -13.95
CA PHE A 378 -28.76 9.63 -13.81
C PHE A 378 -28.40 10.35 -15.09
N ASP A 379 -27.34 9.87 -15.72
CA ASP A 379 -26.99 10.29 -17.07
C ASP A 379 -26.82 9.01 -17.88
N LEU A 380 -27.14 9.08 -19.17
CA LEU A 380 -27.04 7.90 -20.02
C LEU A 380 -25.60 7.67 -20.48
N PRO A 381 -25.16 6.40 -20.47
CA PRO A 381 -23.79 6.00 -20.80
C PRO A 381 -23.45 6.18 -22.29
N VAL A 382 -22.50 7.07 -22.59
CA VAL A 382 -22.06 7.26 -23.97
C VAL A 382 -20.54 7.16 -24.10
N ASP A 383 -20.07 6.96 -25.33
CA ASP A 383 -18.64 6.82 -25.60
C ASP A 383 -17.99 8.16 -25.94
N LYS A 384 -16.68 8.13 -26.14
CA LYS A 384 -15.90 9.34 -26.43
C LYS A 384 -16.56 10.22 -27.48
N ASP A 385 -17.11 9.59 -28.51
CA ASP A 385 -17.77 10.31 -29.59
C ASP A 385 -19.02 11.01 -29.10
N GLY A 386 -20.03 10.20 -28.76
CA GLY A 386 -21.29 10.72 -28.25
C GLY A 386 -22.41 9.72 -28.48
N ASN A 387 -22.04 8.54 -28.97
CA ASN A 387 -23.02 7.49 -29.27
C ASN A 387 -23.32 6.62 -28.06
N PRO A 388 -24.41 5.84 -28.13
CA PRO A 388 -24.80 4.92 -27.06
C PRO A 388 -23.73 3.88 -26.75
N ASP A 389 -23.34 3.79 -25.49
CA ASP A 389 -22.36 2.81 -25.04
C ASP A 389 -23.07 1.53 -24.58
N ASN A 390 -23.42 0.68 -25.54
CA ASN A 390 -24.19 -0.53 -25.26
C ASN A 390 -23.50 -1.50 -24.32
N GLU A 391 -22.19 -1.67 -24.49
CA GLU A 391 -21.41 -2.50 -23.58
C GLU A 391 -21.70 -2.11 -22.14
N THR A 392 -21.29 -0.91 -21.76
CA THR A 392 -21.45 -0.44 -20.39
C THR A 392 -22.86 -0.61 -19.86
N TYR A 393 -23.85 -0.30 -20.69
CA TYR A 393 -25.24 -0.43 -20.27
C TYR A 393 -25.52 -1.87 -19.86
N LEU A 394 -25.28 -2.79 -20.79
CA LEU A 394 -25.54 -4.20 -20.54
C LEU A 394 -24.81 -4.70 -19.30
N HIS A 395 -23.59 -4.22 -19.11
CA HIS A 395 -22.74 -4.70 -18.01
C HIS A 395 -23.16 -4.11 -16.67
N ARG A 396 -23.72 -2.91 -16.70
CA ARG A 396 -24.28 -2.32 -15.49
C ARG A 396 -25.53 -3.09 -15.10
N ILE A 397 -26.48 -3.12 -16.02
CA ILE A 397 -27.82 -3.62 -15.75
C ILE A 397 -27.82 -5.11 -15.49
N GLY A 398 -27.10 -5.85 -16.32
CA GLY A 398 -27.00 -7.29 -16.18
C GLY A 398 -26.31 -7.64 -14.88
N ARG A 399 -25.66 -6.64 -14.29
CA ARG A 399 -24.89 -6.74 -13.04
C ARG A 399 -23.38 -6.77 -13.29
N GLY A 404 -31.42 -15.78 -13.10
CA GLY A 404 -32.79 -15.33 -13.30
C GLY A 404 -33.26 -14.45 -12.16
N LYS A 405 -32.34 -13.65 -11.60
CA LYS A 405 -32.63 -12.78 -10.46
C LYS A 405 -33.19 -11.42 -10.90
N ARG A 406 -34.25 -10.96 -10.22
CA ARG A 406 -34.92 -9.72 -10.59
C ARG A 406 -34.10 -8.46 -10.33
N GLY A 407 -34.04 -7.58 -11.33
CA GLY A 407 -33.34 -6.32 -11.20
C GLY A 407 -34.17 -5.16 -11.70
N LEU A 408 -33.77 -3.96 -11.31
CA LEU A 408 -34.46 -2.75 -11.72
C LEU A 408 -33.48 -1.81 -12.37
N ALA A 409 -33.87 -1.21 -13.50
CA ALA A 409 -33.04 -0.20 -14.13
C ALA A 409 -33.89 1.01 -14.49
N VAL A 410 -33.47 2.19 -14.03
CA VAL A 410 -34.19 3.42 -14.33
C VAL A 410 -33.28 4.41 -15.07
N ASN A 411 -33.73 4.86 -16.23
CA ASN A 411 -32.95 5.79 -17.04
C ASN A 411 -33.55 7.19 -17.03
N MET A 412 -32.73 8.17 -16.67
CA MET A 412 -33.19 9.55 -16.60
C MET A 412 -32.91 10.28 -17.93
N VAL A 413 -33.97 10.61 -18.65
CA VAL A 413 -33.85 11.38 -19.89
C VAL A 413 -34.21 12.83 -19.67
N ASP A 414 -33.34 13.75 -20.09
CA ASP A 414 -33.56 15.17 -19.82
C ASP A 414 -33.40 16.08 -21.03
N SER A 415 -33.47 15.50 -22.23
CA SER A 415 -33.38 16.29 -23.45
C SER A 415 -33.79 15.48 -24.67
N LYS A 416 -34.15 16.16 -25.75
CA LYS A 416 -34.48 15.50 -27.01
C LYS A 416 -33.29 14.65 -27.43
N HIS A 417 -32.09 15.14 -27.11
CA HIS A 417 -30.87 14.44 -27.48
C HIS A 417 -30.69 13.16 -26.69
N SER A 418 -30.76 13.25 -25.37
CA SER A 418 -30.57 12.08 -24.52
C SER A 418 -31.74 11.12 -24.70
N MET A 419 -32.87 11.65 -25.17
CA MET A 419 -34.01 10.81 -25.54
C MET A 419 -33.66 9.97 -26.75
N ASN A 420 -33.01 10.58 -27.73
CA ASN A 420 -32.52 9.86 -28.88
C ASN A 420 -31.63 8.70 -28.44
N ILE A 421 -30.67 9.00 -27.57
CA ILE A 421 -29.75 7.98 -27.07
C ILE A 421 -30.50 6.78 -26.51
N LEU A 422 -31.52 7.05 -25.70
CA LEU A 422 -32.31 5.98 -25.10
C LEU A 422 -33.02 5.15 -26.17
N ASN A 423 -33.59 5.83 -27.16
CA ASN A 423 -34.26 5.14 -28.26
C ASN A 423 -33.30 4.28 -29.07
N ARG A 424 -32.04 4.72 -29.15
CA ARG A 424 -31.01 3.99 -29.87
C ARG A 424 -30.47 2.83 -29.04
N ILE A 425 -30.58 2.96 -27.72
CA ILE A 425 -30.24 1.86 -26.82
C ILE A 425 -31.35 0.82 -26.86
N GLN A 426 -32.58 1.30 -26.92
CA GLN A 426 -33.73 0.42 -27.00
C GLN A 426 -33.84 -0.14 -28.41
N GLU A 427 -33.08 0.45 -29.34
CA GLU A 427 -33.00 -0.05 -30.70
C GLU A 427 -31.94 -1.16 -30.83
N HIS A 428 -30.80 -0.97 -30.17
CA HIS A 428 -29.73 -1.97 -30.18
C HIS A 428 -30.22 -3.28 -29.62
N PHE A 429 -30.56 -3.29 -28.33
CA PHE A 429 -31.28 -4.42 -27.74
C PHE A 429 -32.70 -4.35 -28.28
N ASN A 430 -33.37 -5.49 -28.34
CA ASN A 430 -34.72 -5.52 -28.90
C ASN A 430 -35.78 -5.63 -27.80
N LYS A 431 -35.52 -4.95 -26.69
CA LYS A 431 -36.43 -4.96 -25.54
C LYS A 431 -36.85 -3.53 -25.18
N LYS A 432 -38.10 -3.36 -24.78
CA LYS A 432 -38.64 -2.01 -24.56
C LYS A 432 -38.28 -1.41 -23.20
N ILE A 433 -37.95 -0.13 -23.23
CA ILE A 433 -37.79 0.65 -22.01
C ILE A 433 -39.08 1.39 -21.72
N GLU A 434 -39.88 0.81 -20.82
CA GLU A 434 -41.20 1.33 -20.52
C GLU A 434 -41.15 2.71 -19.87
N ARG A 435 -42.01 3.61 -20.34
CA ARG A 435 -42.10 4.96 -19.80
C ARG A 435 -42.58 4.93 -18.35
N LEU A 436 -41.94 5.73 -17.52
CA LEU A 436 -42.29 5.81 -16.12
C LEU A 436 -42.62 7.26 -15.77
N ASP A 437 -43.86 7.50 -15.35
CA ASP A 437 -44.29 8.85 -15.01
C ASP A 437 -43.78 9.22 -13.61
N THR A 438 -43.16 10.38 -13.50
CA THR A 438 -42.50 10.82 -12.27
C THR A 438 -43.34 10.62 -11.02
N ASP A 439 -44.59 11.06 -11.06
CA ASP A 439 -45.45 11.03 -9.88
C ASP A 439 -46.22 9.72 -9.76
N ASP A 440 -46.81 9.28 -10.88
CA ASP A 440 -47.48 7.99 -10.93
C ASP A 440 -46.47 6.86 -11.00
N LEU A 441 -46.24 6.19 -9.87
CA LEU A 441 -45.25 5.12 -9.79
C LEU A 441 -45.84 3.81 -9.26
N ASP A 442 -47.15 3.62 -9.43
CA ASP A 442 -47.81 2.39 -9.00
C ASP A 442 -47.18 1.18 -9.69
N GLU B 24 17.15 14.68 4.30
CA GLU B 24 17.64 13.75 3.29
C GLU B 24 17.65 12.32 3.81
N ASP B 25 16.69 11.52 3.34
CA ASP B 25 16.54 10.11 3.72
C ASP B 25 15.86 9.94 5.09
N ARG B 26 15.52 11.06 5.73
CA ARG B 26 14.84 11.04 7.02
C ARG B 26 13.42 10.52 6.87
N ALA B 27 12.84 10.75 5.70
CA ALA B 27 11.45 10.38 5.44
C ALA B 27 11.25 8.87 5.41
N ALA B 28 12.27 8.14 5.01
CA ALA B 28 12.19 6.68 4.97
C ALA B 28 12.30 6.11 6.38
N GLN B 29 13.12 6.74 7.22
CA GLN B 29 13.30 6.29 8.59
C GLN B 29 12.02 6.48 9.40
N SER B 30 11.37 7.63 9.22
CA SER B 30 10.10 7.89 9.88
C SER B 30 9.08 6.82 9.52
N LEU B 31 9.08 6.44 8.24
CA LEU B 31 8.11 5.47 7.73
C LEU B 31 8.34 4.08 8.31
N LEU B 32 9.56 3.57 8.19
CA LEU B 32 9.87 2.28 8.78
C LEU B 32 9.56 2.31 10.27
N ASN B 33 9.97 3.39 10.93
CA ASN B 33 9.69 3.52 12.36
C ASN B 33 8.20 3.48 12.68
N LYS B 34 7.40 4.21 11.91
CA LYS B 34 5.95 4.14 12.05
C LYS B 34 5.39 2.76 11.76
N LEU B 35 5.93 2.08 10.76
CA LEU B 35 5.43 0.75 10.41
C LEU B 35 5.70 -0.30 11.49
N ILE B 36 6.73 -0.10 12.28
CA ILE B 36 7.09 -1.08 13.31
C ILE B 36 6.65 -0.68 14.73
N ARG B 37 6.15 0.55 14.87
CA ARG B 37 5.63 1.05 16.14
C ARG B 37 4.41 0.27 16.61
N SER B 38 4.50 -0.32 17.79
CA SER B 38 3.38 -1.04 18.37
C SER B 38 2.68 -0.23 19.47
N ASN B 39 3.47 0.54 20.22
CA ASN B 39 2.95 1.29 21.36
C ASN B 39 3.83 2.49 21.73
N LEU B 40 3.40 3.22 22.76
CA LEU B 40 4.13 4.39 23.24
C LEU B 40 5.57 4.04 23.57
N VAL B 41 6.49 4.94 23.24
CA VAL B 41 7.86 4.83 23.72
C VAL B 41 7.95 5.45 25.11
N ASP B 42 8.12 4.61 26.12
CA ASP B 42 8.14 5.06 27.52
C ASP B 42 9.10 6.23 27.74
N ASN B 43 8.68 7.17 28.58
CA ASN B 43 9.48 8.35 28.86
C ASN B 43 9.19 8.91 30.26
N THR B 44 10.19 8.93 31.13
CA THR B 44 10.01 9.37 32.50
C THR B 44 10.09 10.88 32.68
N ASN B 45 10.66 11.57 31.70
CA ASN B 45 10.77 13.03 31.72
C ASN B 45 9.41 13.73 31.88
N GLN B 46 9.43 14.89 32.52
CA GLN B 46 8.23 15.71 32.62
C GLN B 46 8.09 16.55 31.35
N VAL B 47 6.87 16.98 31.06
CA VAL B 47 6.58 17.75 29.85
C VAL B 47 6.61 19.26 30.11
N GLU B 48 7.42 19.98 29.35
CA GLU B 48 7.49 21.44 29.46
C GLU B 48 6.30 22.07 28.77
N VAL B 49 5.95 23.28 29.17
CA VAL B 49 4.81 23.99 28.60
C VAL B 49 5.15 25.45 28.32
N LEU B 50 4.22 26.18 27.72
CA LEU B 50 4.43 27.58 27.39
C LEU B 50 3.17 28.23 26.83
N GLN B 51 2.19 28.48 27.70
CA GLN B 51 0.99 29.19 27.30
C GLN B 51 1.33 30.62 26.89
N ARG B 52 0.31 31.37 26.47
CA ARG B 52 0.50 32.77 26.15
C ARG B 52 0.11 33.66 27.34
N ASP B 53 0.88 34.71 27.56
CA ASP B 53 0.62 35.65 28.65
C ASP B 53 0.62 34.95 30.01
N TYR B 59 -3.64 23.56 32.42
CA TYR B 59 -4.62 22.66 31.81
C TYR B 59 -3.97 21.34 31.37
N SER B 60 -4.28 20.26 32.08
CA SER B 60 -3.73 18.95 31.76
C SER B 60 -4.65 17.82 32.26
N VAL B 61 -5.08 16.95 31.36
CA VAL B 61 -6.01 15.87 31.69
C VAL B 61 -5.29 14.59 32.10
N LYS B 62 -6.02 13.67 32.72
CA LYS B 62 -5.44 12.42 33.19
C LYS B 62 -6.30 11.22 32.75
N SER B 63 -7.25 11.47 31.85
CA SER B 63 -8.11 10.42 31.35
C SER B 63 -8.82 10.88 30.08
N PHE B 64 -9.20 9.93 29.24
CA PHE B 64 -9.92 10.26 28.01
C PHE B 64 -11.33 10.73 28.31
N GLU B 65 -12.00 10.07 29.24
CA GLU B 65 -13.37 10.44 29.62
C GLU B 65 -13.50 11.91 30.00
N GLU B 66 -12.53 12.43 30.75
CA GLU B 66 -12.58 13.80 31.27
C GLU B 66 -12.57 14.87 30.18
N LEU B 67 -12.15 14.48 28.98
CA LEU B 67 -12.00 15.43 27.88
C LEU B 67 -13.35 15.99 27.39
N ARG B 68 -14.40 15.22 27.55
CA ARG B 68 -15.72 15.62 27.08
C ARG B 68 -15.72 15.73 25.56
N LEU B 69 -15.54 14.58 24.91
CA LEU B 69 -15.55 14.49 23.46
C LEU B 69 -16.85 13.86 23.00
N LYS B 70 -17.28 14.20 21.79
CA LYS B 70 -18.52 13.68 21.23
C LYS B 70 -18.50 12.15 21.28
N PRO B 71 -19.64 11.54 21.64
CA PRO B 71 -19.76 10.10 21.85
C PRO B 71 -19.05 9.26 20.79
N GLN B 72 -19.25 9.55 19.51
CA GLN B 72 -18.62 8.77 18.45
C GLN B 72 -17.09 8.81 18.49
N LEU B 73 -16.53 9.99 18.71
CA LEU B 73 -15.10 10.17 18.75
C LEU B 73 -14.45 9.35 19.87
N LEU B 74 -15.00 9.45 21.07
CA LEU B 74 -14.48 8.71 22.21
C LEU B 74 -14.55 7.21 21.95
N GLN B 75 -15.65 6.76 21.36
CA GLN B 75 -15.85 5.34 21.08
C GLN B 75 -14.73 4.78 20.21
N GLY B 76 -14.29 5.57 19.23
CA GLY B 76 -13.25 5.15 18.30
C GLY B 76 -11.88 5.14 18.94
N VAL B 77 -11.66 6.07 19.88
CA VAL B 77 -10.43 6.11 20.65
C VAL B 77 -10.33 4.87 21.53
N TYR B 78 -11.47 4.47 22.11
CA TYR B 78 -11.50 3.25 22.91
C TYR B 78 -11.36 2.01 22.04
N ALA B 79 -11.74 2.13 20.77
CA ALA B 79 -11.70 1.01 19.84
C ALA B 79 -10.26 0.66 19.42
N MET B 80 -9.42 1.68 19.29
CA MET B 80 -8.04 1.44 18.90
C MET B 80 -7.13 1.17 20.10
N GLY B 81 -7.70 0.53 21.12
CA GLY B 81 -6.93 0.09 22.28
C GLY B 81 -6.30 1.18 23.11
N PHE B 82 -6.90 2.37 23.10
CA PHE B 82 -6.39 3.48 23.90
C PHE B 82 -7.04 3.53 25.28
N ASN B 83 -6.22 3.74 26.30
CA ASN B 83 -6.68 3.80 27.68
C ASN B 83 -6.71 5.24 28.16
N ARG B 84 -5.54 5.78 28.48
CA ARG B 84 -5.40 7.18 28.87
C ARG B 84 -4.64 7.96 27.81
N PRO B 85 -4.69 9.29 27.90
CA PRO B 85 -3.83 10.14 27.05
C PRO B 85 -2.36 9.89 27.38
N SER B 86 -1.47 10.39 26.53
CA SER B 86 -0.04 10.23 26.75
C SER B 86 0.55 11.49 27.36
N LYS B 87 1.70 11.36 28.00
CA LYS B 87 2.36 12.49 28.65
C LYS B 87 2.40 13.74 27.77
N ILE B 88 2.50 13.54 26.46
CA ILE B 88 2.54 14.68 25.55
C ILE B 88 1.14 15.14 25.16
N GLN B 89 0.19 14.20 25.18
CA GLN B 89 -1.20 14.51 24.89
C GLN B 89 -1.87 15.18 26.09
N GLU B 90 -1.55 14.70 27.29
CA GLU B 90 -2.11 15.26 28.51
C GLU B 90 -1.99 16.79 28.51
N ASN B 91 -1.00 17.30 27.79
CA ASN B 91 -0.84 18.74 27.64
C ASN B 91 -1.30 19.22 26.25
N ALA B 92 -1.12 18.37 25.25
CA ALA B 92 -1.46 18.73 23.87
C ALA B 92 -2.95 18.76 23.62
N LEU B 93 -3.67 17.79 24.20
CA LEU B 93 -5.11 17.68 23.97
C LEU B 93 -5.92 18.84 24.53
N PRO B 94 -5.66 19.24 25.79
CA PRO B 94 -6.38 20.39 26.35
C PRO B 94 -6.18 21.66 25.51
N LEU B 95 -4.94 22.00 25.21
CA LEU B 95 -4.66 23.19 24.38
C LEU B 95 -5.40 23.17 23.06
N MET B 96 -5.26 22.08 22.31
CA MET B 96 -5.88 21.97 21.00
C MET B 96 -7.40 21.97 21.10
N LEU B 97 -7.92 21.68 22.29
CA LEU B 97 -9.36 21.69 22.51
C LEU B 97 -9.80 22.92 23.32
N PRO B 100 -12.80 28.03 23.04
CA PRO B 100 -12.08 28.69 21.94
C PRO B 100 -10.85 27.89 21.53
N PRO B 101 -10.53 27.89 20.23
CA PRO B 101 -9.35 27.19 19.73
C PRO B 101 -8.08 27.96 20.09
N GLN B 102 -6.95 27.27 20.12
CA GLN B 102 -5.69 27.92 20.43
C GLN B 102 -4.53 27.17 19.77
N ASN B 103 -3.56 27.93 19.24
CA ASN B 103 -2.43 27.34 18.52
C ASN B 103 -1.55 26.45 19.39
N LEU B 104 -0.67 25.70 18.75
CA LEU B 104 0.23 24.80 19.45
C LEU B 104 1.47 24.45 18.63
N ILE B 105 2.57 24.20 19.32
CA ILE B 105 3.79 23.69 18.71
C ILE B 105 4.35 22.61 19.62
N ALA B 106 3.94 21.36 19.36
CA ALA B 106 4.35 20.24 20.20
C ALA B 106 5.59 19.55 19.62
N GLN B 107 6.63 19.46 20.44
CA GLN B 107 7.82 18.72 20.04
C GLN B 107 7.99 17.51 20.94
N SER B 108 8.17 16.34 20.32
CA SER B 108 8.43 15.13 21.08
C SER B 108 8.89 14.01 20.15
N GLN B 109 9.84 13.21 20.63
CA GLN B 109 10.36 12.08 19.87
C GLN B 109 9.23 11.25 19.28
N SER B 110 9.49 10.60 18.15
CA SER B 110 8.46 9.75 17.56
C SER B 110 8.08 8.63 18.53
N GLY B 111 6.81 8.27 18.56
CA GLY B 111 6.31 7.26 19.47
C GLY B 111 5.64 7.81 20.72
N THR B 112 5.51 9.13 20.82
CA THR B 112 4.89 9.74 21.99
C THR B 112 3.35 9.82 21.89
N GLY B 113 2.85 10.21 20.72
CA GLY B 113 1.42 10.26 20.48
C GLY B 113 0.97 11.53 19.79
N LYS B 114 1.90 12.20 19.11
CA LYS B 114 1.61 13.44 18.42
C LYS B 114 0.56 13.24 17.33
N THR B 115 0.77 12.21 16.52
CA THR B 115 -0.14 11.89 15.43
C THR B 115 -1.56 11.68 15.95
N ALA B 116 -1.69 10.82 16.96
CA ALA B 116 -3.00 10.55 17.54
C ALA B 116 -3.60 11.85 18.08
N ALA B 117 -2.75 12.71 18.61
CA ALA B 117 -3.20 13.96 19.20
C ALA B 117 -3.93 14.83 18.17
N PHE B 118 -3.22 15.23 17.13
CA PHE B 118 -3.80 16.16 16.17
C PHE B 118 -4.94 15.52 15.35
N VAL B 119 -4.86 14.21 15.18
CA VAL B 119 -5.95 13.47 14.56
C VAL B 119 -7.20 13.62 15.41
N LEU B 120 -7.01 13.57 16.73
CA LEU B 120 -8.09 13.75 17.67
C LEU B 120 -8.66 15.16 17.59
N ALA B 121 -7.78 16.12 17.32
CA ALA B 121 -8.20 17.53 17.20
C ALA B 121 -9.07 17.72 15.96
N MET B 122 -8.59 17.24 14.82
CA MET B 122 -9.30 17.37 13.56
C MET B 122 -10.72 16.80 13.68
N LEU B 123 -10.80 15.56 14.16
CA LEU B 123 -12.08 14.89 14.30
C LEU B 123 -13.04 15.59 15.28
N SER B 124 -12.47 16.30 16.25
CA SER B 124 -13.26 17.02 17.25
C SER B 124 -14.00 18.22 16.66
N GLN B 125 -13.36 18.87 15.68
CA GLN B 125 -13.94 20.06 15.03
C GLN B 125 -14.97 19.69 13.97
N VAL B 126 -14.50 18.95 12.96
CA VAL B 126 -15.31 18.56 11.80
C VAL B 126 -16.81 18.47 12.01
N GLU B 127 -17.54 19.13 11.12
CA GLU B 127 -18.98 18.98 10.97
C GLU B 127 -19.24 18.16 9.71
N PRO B 128 -19.38 16.84 9.87
CA PRO B 128 -19.48 15.91 8.73
C PRO B 128 -20.64 16.22 7.79
N ALA B 129 -21.57 17.07 8.22
CA ALA B 129 -22.74 17.42 7.40
C ALA B 129 -22.41 18.50 6.37
N ASN B 130 -21.18 19.02 6.43
CA ASN B 130 -20.71 19.99 5.45
C ASN B 130 -19.69 19.37 4.51
N LYS B 131 -20.10 19.14 3.26
CA LYS B 131 -19.31 18.36 2.31
C LYS B 131 -18.16 19.14 1.66
N TYR B 132 -17.20 19.59 2.47
CA TYR B 132 -16.04 20.32 1.96
C TYR B 132 -14.92 20.33 2.99
N PRO B 133 -13.68 20.52 2.53
CA PRO B 133 -12.54 20.47 3.46
C PRO B 133 -12.70 21.45 4.61
N GLN B 134 -12.49 20.96 5.82
CA GLN B 134 -12.59 21.77 7.02
C GLN B 134 -11.30 21.60 7.83
N CYS B 135 -10.57 20.53 7.52
CA CYS B 135 -9.28 20.28 8.15
C CYS B 135 -8.24 19.95 7.09
N LEU B 136 -7.08 20.58 7.21
CA LEU B 136 -6.00 20.36 6.25
C LEU B 136 -4.73 19.90 6.96
N CYS B 137 -4.21 18.75 6.56
CA CYS B 137 -3.00 18.22 7.16
C CYS B 137 -1.88 18.15 6.11
N LEU B 138 -0.70 18.60 6.49
CA LEU B 138 0.45 18.46 5.61
C LEU B 138 1.42 17.37 6.09
N SER B 139 1.68 16.41 5.22
CA SER B 139 2.70 15.39 5.49
C SER B 139 3.86 15.57 4.55
N PRO B 140 5.06 15.18 4.99
CA PRO B 140 6.30 15.35 4.22
C PRO B 140 6.31 14.53 2.93
N THR B 141 5.69 13.35 2.97
CA THR B 141 5.64 12.48 1.80
C THR B 141 4.30 11.75 1.67
N TYR B 142 4.14 11.05 0.57
CA TYR B 142 2.91 10.32 0.24
C TYR B 142 2.70 9.10 1.14
N GLU B 143 3.79 8.35 1.37
CA GLU B 143 3.73 7.16 2.21
C GLU B 143 3.46 7.53 3.67
N LEU B 144 4.05 8.62 4.14
CA LEU B 144 3.78 9.11 5.48
C LEU B 144 2.36 9.67 5.58
N ALA B 145 1.90 10.33 4.53
CA ALA B 145 0.53 10.83 4.49
C ALA B 145 -0.46 9.67 4.60
N LEU B 146 -0.12 8.55 3.96
CA LEU B 146 -0.97 7.36 4.02
C LEU B 146 -1.01 6.77 5.43
N GLN B 147 0.07 6.96 6.18
CA GLN B 147 0.14 6.43 7.53
C GLN B 147 -0.77 7.21 8.45
N THR B 148 -0.61 8.53 8.44
CA THR B 148 -1.50 9.43 9.16
C THR B 148 -2.96 9.18 8.78
N GLY B 149 -3.23 9.00 7.49
CA GLY B 149 -4.56 8.71 7.02
C GLY B 149 -5.20 7.50 7.69
N LYS B 150 -4.37 6.50 8.00
CA LYS B 150 -4.88 5.28 8.63
C LYS B 150 -5.41 5.54 10.04
N VAL B 151 -4.69 6.36 10.78
CA VAL B 151 -5.13 6.77 12.11
C VAL B 151 -6.50 7.43 12.02
N ILE B 152 -6.62 8.40 11.12
CA ILE B 152 -7.87 9.09 10.87
C ILE B 152 -9.02 8.14 10.55
N GLU B 153 -8.85 7.26 9.57
CA GLU B 153 -9.92 6.33 9.22
C GLU B 153 -10.27 5.42 10.40
N GLN B 154 -9.27 5.07 11.19
CA GLN B 154 -9.46 4.12 12.29
C GLN B 154 -10.11 4.76 13.50
N MET B 155 -9.69 5.98 13.83
CA MET B 155 -10.23 6.67 14.99
C MET B 155 -11.61 7.26 14.71
N GLY B 156 -11.86 7.56 13.44
CA GLY B 156 -13.12 8.17 13.05
C GLY B 156 -14.09 7.20 12.42
N LYS B 157 -13.95 5.92 12.72
CA LYS B 157 -14.77 4.88 12.11
C LYS B 157 -16.24 4.97 12.51
N PHE B 158 -16.51 5.50 13.70
CA PHE B 158 -17.89 5.67 14.15
C PHE B 158 -18.46 7.03 13.77
N TYR B 159 -17.82 7.67 12.79
CA TYR B 159 -18.38 8.86 12.14
C TYR B 159 -18.86 8.47 10.76
N PRO B 160 -20.18 8.29 10.62
CA PRO B 160 -20.81 7.74 9.41
C PRO B 160 -20.27 8.34 8.11
N GLU B 161 -20.48 9.65 7.90
CA GLU B 161 -20.19 10.25 6.60
C GLU B 161 -18.99 11.19 6.62
N LEU B 162 -17.98 10.84 7.40
CA LEU B 162 -16.71 11.57 7.40
C LEU B 162 -15.75 11.00 6.36
N LYS B 163 -15.29 11.84 5.44
CA LYS B 163 -14.46 11.39 4.32
C LYS B 163 -13.07 12.01 4.29
N LEU B 164 -12.12 11.30 3.66
CA LEU B 164 -10.73 11.71 3.62
C LEU B 164 -10.22 11.76 2.18
N ALA B 165 -9.51 12.83 1.84
CA ALA B 165 -8.92 12.92 0.50
C ALA B 165 -7.40 13.12 0.58
N TYR B 166 -6.69 12.43 -0.29
CA TYR B 166 -5.23 12.52 -0.35
C TYR B 166 -4.78 13.45 -1.49
N ALA B 167 -4.29 14.63 -1.11
CA ALA B 167 -3.79 15.59 -2.08
C ALA B 167 -2.33 15.30 -2.40
N VAL B 168 -2.12 14.23 -3.16
CA VAL B 168 -0.77 13.80 -3.51
C VAL B 168 -0.62 13.77 -5.01
N ARG B 169 0.62 13.86 -5.47
CA ARG B 169 0.92 13.67 -6.88
C ARG B 169 0.43 12.30 -7.32
N GLY B 170 -0.17 12.23 -8.51
CA GLY B 170 -0.73 10.99 -9.00
C GLY B 170 -2.22 10.98 -8.77
N ASN B 171 -2.75 12.14 -8.37
CA ASN B 171 -4.18 12.29 -8.13
C ASN B 171 -4.71 13.56 -8.77
N LYS B 172 -4.99 13.50 -10.07
CA LYS B 172 -5.54 14.64 -10.80
C LYS B 172 -7.03 14.79 -10.49
N LEU B 173 -7.51 16.03 -10.60
CA LEU B 173 -8.91 16.33 -10.44
C LEU B 173 -9.50 16.77 -11.77
N GLU B 174 -10.82 16.78 -11.89
CA GLU B 174 -11.47 17.25 -13.12
C GLU B 174 -11.74 18.74 -13.01
N ARG B 175 -11.92 19.40 -14.16
CA ARG B 175 -12.20 20.83 -14.19
C ARG B 175 -13.19 21.24 -13.10
N GLY B 176 -12.77 22.17 -12.26
CA GLY B 176 -13.62 22.75 -11.23
C GLY B 176 -14.54 21.77 -10.51
N GLN B 177 -14.03 20.61 -10.16
CA GLN B 177 -14.76 19.75 -9.24
C GLN B 177 -14.54 20.33 -7.85
N LYS B 178 -15.51 20.17 -6.97
CA LYS B 178 -15.37 20.68 -5.62
C LYS B 178 -15.13 19.53 -4.65
N ILE B 179 -14.00 19.59 -3.94
CA ILE B 179 -13.67 18.55 -2.97
C ILE B 179 -14.79 18.40 -1.93
N SER B 180 -15.39 17.22 -1.91
CA SER B 180 -16.49 16.93 -0.99
C SER B 180 -16.02 16.28 0.31
N GLU B 181 -14.72 16.02 0.42
CA GLU B 181 -14.17 15.37 1.60
C GLU B 181 -13.87 16.38 2.70
N GLN B 182 -14.28 16.04 3.92
CA GLN B 182 -14.16 16.96 5.06
C GLN B 182 -12.73 17.12 5.53
N ILE B 183 -11.90 16.09 5.31
CA ILE B 183 -10.50 16.15 5.69
C ILE B 183 -9.58 15.94 4.51
N VAL B 184 -8.49 16.69 4.46
CA VAL B 184 -7.54 16.58 3.38
C VAL B 184 -6.13 16.40 3.93
N ILE B 185 -5.44 15.38 3.44
CA ILE B 185 -4.03 15.20 3.76
C ILE B 185 -3.27 15.11 2.46
N GLY B 186 -2.09 15.71 2.41
CA GLY B 186 -1.28 15.67 1.21
C GLY B 186 0.06 16.33 1.35
N THR B 187 0.85 16.25 0.28
CA THR B 187 2.18 16.84 0.25
C THR B 187 2.08 18.28 -0.24
N PRO B 188 2.84 19.20 0.40
CA PRO B 188 2.74 20.63 0.14
C PRO B 188 2.63 20.98 -1.34
N GLY B 189 3.31 20.23 -2.20
CA GLY B 189 3.26 20.47 -3.63
C GLY B 189 1.86 20.44 -4.19
N THR B 190 1.18 19.30 -4.01
CA THR B 190 -0.15 19.09 -4.56
C THR B 190 -1.22 19.88 -3.80
N VAL B 191 -1.06 19.95 -2.48
CA VAL B 191 -1.98 20.74 -1.66
C VAL B 191 -1.91 22.19 -2.09
N LEU B 192 -0.75 22.60 -2.59
CA LEU B 192 -0.56 23.96 -3.07
C LEU B 192 -1.59 24.30 -4.15
N ASP B 193 -1.63 23.48 -5.19
CA ASP B 193 -2.53 23.71 -6.34
C ASP B 193 -3.98 23.64 -5.95
N TRP B 194 -4.30 22.77 -5.00
CA TRP B 194 -5.67 22.51 -4.59
C TRP B 194 -6.33 23.71 -3.91
N CYS B 195 -5.52 24.65 -3.46
CA CYS B 195 -6.04 25.83 -2.78
C CYS B 195 -5.98 27.07 -3.66
N SER B 196 -5.32 26.93 -4.81
CA SER B 196 -5.19 28.04 -5.76
C SER B 196 -6.26 27.97 -6.84
N LYS B 197 -6.26 26.89 -7.61
CA LYS B 197 -7.23 26.70 -8.68
C LYS B 197 -8.66 26.69 -8.15
N PHE B 200 -10.96 24.43 -6.11
CA PHE B 200 -11.10 23.10 -5.53
C PHE B 200 -11.40 23.18 -4.04
N ILE B 201 -10.57 23.92 -3.32
CA ILE B 201 -10.73 24.09 -1.89
C ILE B 201 -10.90 25.56 -1.53
N ASP B 202 -11.77 25.83 -0.56
CA ASP B 202 -11.99 27.18 -0.07
C ASP B 202 -11.27 27.36 1.27
N PRO B 203 -10.03 27.88 1.23
CA PRO B 203 -9.24 28.05 2.45
C PRO B 203 -10.02 28.75 3.55
N LYS B 204 -10.96 29.62 3.17
CA LYS B 204 -11.84 30.31 4.11
C LYS B 204 -12.49 29.34 5.10
N LYS B 205 -12.92 28.19 4.60
CA LYS B 205 -13.67 27.23 5.40
C LYS B 205 -12.78 26.24 6.15
N ILE B 206 -11.49 26.55 6.26
CA ILE B 206 -10.55 25.66 6.92
C ILE B 206 -10.34 26.01 8.39
N LYS B 207 -10.90 25.18 9.27
CA LYS B 207 -10.84 25.43 10.71
C LYS B 207 -9.53 24.99 11.35
N VAL B 208 -8.93 23.94 10.81
CA VAL B 208 -7.72 23.36 11.40
C VAL B 208 -6.59 23.15 10.37
N PHE B 209 -5.38 23.48 10.76
CA PHE B 209 -4.20 23.26 9.94
C PHE B 209 -3.16 22.49 10.75
N VAL B 210 -2.59 21.45 10.15
CA VAL B 210 -1.57 20.65 10.83
C VAL B 210 -0.36 20.41 9.94
N LEU B 211 0.82 20.70 10.47
CA LEU B 211 2.04 20.33 9.78
C LEU B 211 2.74 19.21 10.52
N ASP B 212 2.44 17.97 10.11
CA ASP B 212 3.02 16.79 10.70
C ASP B 212 4.51 16.68 10.39
N GLU B 213 5.31 16.32 11.39
CA GLU B 213 6.74 16.07 11.22
C GLU B 213 7.45 17.13 10.38
N ALA B 214 7.70 18.29 10.99
CA ALA B 214 8.36 19.39 10.28
C ALA B 214 9.87 19.15 10.16
N ASP B 215 10.41 18.41 11.11
CA ASP B 215 11.84 18.06 11.12
C ASP B 215 12.26 17.27 9.88
N VAL B 216 11.27 16.69 9.18
CA VAL B 216 11.55 15.92 7.97
C VAL B 216 11.04 16.63 6.72
N MET B 217 10.18 17.62 6.89
CA MET B 217 9.67 18.38 5.76
C MET B 217 10.60 19.53 5.39
N ILE B 218 11.61 19.78 6.23
CA ILE B 218 12.59 20.82 5.95
C ILE B 218 13.79 20.28 5.17
N ALA B 219 13.84 18.97 4.99
CA ALA B 219 14.91 18.35 4.22
C ALA B 219 14.90 18.81 2.77
N THR B 220 13.79 19.42 2.36
CA THR B 220 13.66 19.93 1.00
C THR B 220 13.26 21.40 1.02
N GLN B 221 14.12 22.26 0.49
CA GLN B 221 13.83 23.68 0.43
C GLN B 221 12.42 23.95 -0.05
N GLY B 222 12.05 23.33 -1.17
CA GLY B 222 10.74 23.52 -1.77
C GLY B 222 9.62 23.42 -0.76
N HIS B 223 9.64 22.39 0.07
CA HIS B 223 8.57 22.16 1.02
C HIS B 223 8.36 23.32 1.98
N GLN B 224 9.45 23.97 2.39
CA GLN B 224 9.38 25.04 3.37
C GLN B 224 8.48 26.19 2.93
N ASP B 225 8.82 26.81 1.82
CA ASP B 225 8.03 27.95 1.33
C ASP B 225 6.61 27.52 0.99
N GLN B 226 6.50 26.34 0.39
CA GLN B 226 5.19 25.83 -0.03
C GLN B 226 4.22 25.73 1.15
N SER B 227 4.73 25.35 2.31
CA SER B 227 3.91 25.29 3.51
C SER B 227 3.42 26.68 3.89
N ILE B 228 4.30 27.67 3.77
CA ILE B 228 3.97 29.04 4.09
C ILE B 228 2.87 29.56 3.18
N ARG B 229 3.13 29.53 1.88
CA ARG B 229 2.17 29.98 0.89
C ARG B 229 0.81 29.32 1.12
N ILE B 230 0.85 28.09 1.62
CA ILE B 230 -0.37 27.36 1.96
C ILE B 230 -0.97 27.89 3.25
N GLN B 231 -0.12 28.06 4.26
CA GLN B 231 -0.54 28.62 5.54
C GLN B 231 -1.02 30.06 5.36
N ARG B 232 -0.60 30.70 4.27
CA ARG B 232 -0.97 32.08 3.99
C ARG B 232 -2.42 32.22 3.54
N MET B 233 -2.91 31.23 2.81
CA MET B 233 -4.26 31.30 2.24
C MET B 233 -5.34 31.10 3.29
N LEU B 234 -4.93 30.81 4.52
CA LEU B 234 -5.86 30.43 5.57
C LEU B 234 -6.55 31.62 6.26
N PRO B 235 -7.66 31.34 6.96
CA PRO B 235 -8.36 32.34 7.79
C PRO B 235 -7.55 32.69 9.02
N ARG B 236 -7.86 33.81 9.67
CA ARG B 236 -7.15 34.21 10.87
C ARG B 236 -7.49 33.30 12.05
N ASN B 237 -8.76 32.91 12.13
CA ASN B 237 -9.23 32.06 13.23
C ASN B 237 -8.83 30.59 13.05
N CYS B 238 -8.30 30.27 11.88
CA CYS B 238 -7.90 28.90 11.55
C CYS B 238 -6.82 28.38 12.50
N GLN B 239 -7.19 27.41 13.33
CA GLN B 239 -6.24 26.83 14.27
C GLN B 239 -4.99 26.30 13.59
N MET B 240 -3.82 26.73 14.06
CA MET B 240 -2.55 26.31 13.47
C MET B 240 -1.79 25.35 14.38
N LEU B 241 -1.60 24.12 13.91
CA LEU B 241 -0.86 23.11 14.67
C LEU B 241 0.36 22.64 13.90
N LEU B 242 1.50 22.60 14.58
CA LEU B 242 2.71 22.05 13.99
C LEU B 242 3.38 21.10 14.99
N PHE B 243 3.89 19.99 14.47
CA PHE B 243 4.49 18.97 15.32
C PHE B 243 5.86 18.55 14.81
N SER B 244 6.67 18.03 15.72
CA SER B 244 8.01 17.57 15.36
C SER B 244 8.64 16.83 16.52
N ALA B 245 9.64 16.00 16.21
CA ALA B 245 10.37 15.26 17.23
C ALA B 245 11.65 15.99 17.62
N THR B 246 12.19 16.77 16.68
CA THR B 246 13.48 17.42 16.85
C THR B 246 13.39 18.93 16.99
N PHE B 247 14.09 19.48 17.97
CA PHE B 247 14.24 20.93 18.07
C PHE B 247 15.58 21.38 17.54
N GLU B 248 15.55 21.96 16.34
CA GLU B 248 16.78 22.37 15.67
C GLU B 248 16.65 23.80 15.20
N ASP B 249 17.78 24.50 15.09
CA ASP B 249 17.76 25.89 14.66
C ASP B 249 16.95 26.04 13.38
N SER B 250 17.01 25.02 12.53
CA SER B 250 16.21 25.00 11.31
C SER B 250 14.73 24.94 11.66
N VAL B 251 14.38 23.95 12.46
CA VAL B 251 13.00 23.75 12.87
C VAL B 251 12.48 24.92 13.68
N TRP B 252 13.13 25.15 14.83
CA TRP B 252 12.71 26.18 15.77
C TRP B 252 12.39 27.51 15.09
N LYS B 253 13.13 27.84 14.04
CA LYS B 253 12.93 29.09 13.32
C LYS B 253 11.88 28.94 12.23
N PHE B 254 11.85 27.78 11.60
CA PHE B 254 10.88 27.51 10.53
C PHE B 254 9.44 27.41 11.05
N ALA B 255 9.29 27.00 12.31
CA ALA B 255 7.98 26.82 12.92
C ALA B 255 7.37 28.13 13.41
N GLN B 256 8.21 29.16 13.52
CA GLN B 256 7.74 30.48 13.89
C GLN B 256 7.07 31.14 12.69
N LYS B 257 7.61 30.84 11.52
CA LYS B 257 7.12 31.41 10.27
C LYS B 257 5.90 30.64 9.76
N VAL B 258 5.43 29.68 10.56
CA VAL B 258 4.31 28.83 10.17
C VAL B 258 3.15 28.91 11.15
N VAL B 259 3.46 29.05 12.42
CA VAL B 259 2.43 29.12 13.45
C VAL B 259 2.53 30.45 14.21
N PRO B 260 1.55 31.33 13.99
CA PRO B 260 1.46 32.64 14.66
C PRO B 260 1.02 32.52 16.11
N ASP B 261 1.37 33.50 16.93
CA ASP B 261 1.02 33.51 18.35
C ASP B 261 0.98 32.09 18.90
N PRO B 262 2.13 31.40 18.89
CA PRO B 262 2.20 29.97 19.18
C PRO B 262 2.26 29.65 20.67
N ASN B 263 1.63 28.55 21.05
CA ASN B 263 1.95 27.88 22.30
C ASN B 263 3.06 26.89 22.00
N VAL B 264 3.80 26.48 23.02
CA VAL B 264 4.91 25.56 22.79
C VAL B 264 4.95 24.44 23.83
N ILE B 265 5.01 23.20 23.34
CA ILE B 265 5.14 22.04 24.22
C ILE B 265 6.44 21.29 23.96
N LYS B 266 7.18 21.04 25.04
CA LYS B 266 8.47 20.35 24.94
C LYS B 266 8.44 19.05 25.73
N LEU B 267 8.99 18.00 25.13
CA LEU B 267 9.31 16.77 25.86
C LEU B 267 10.68 16.30 25.42
N LYS B 268 11.63 16.26 26.35
CA LYS B 268 13.00 15.94 25.99
C LYS B 268 13.24 14.45 25.83
N ARG B 269 14.06 14.11 24.85
CA ARG B 269 14.37 12.71 24.51
C ARG B 269 14.93 11.96 25.70
N GLU B 270 14.44 10.73 25.89
CA GLU B 270 14.98 9.85 26.92
C GLU B 270 16.43 9.51 26.63
N GLU B 271 17.34 10.25 27.24
CA GLU B 271 18.77 10.05 27.07
C GLU B 271 19.20 8.62 27.38
N GLU B 272 19.92 8.01 26.44
CA GLU B 272 20.45 6.66 26.62
C GLU B 272 21.90 6.70 27.06
N THR B 273 22.31 5.73 27.88
CA THR B 273 23.69 5.68 28.36
C THR B 273 24.23 4.26 28.31
N LEU B 274 25.54 4.12 28.53
CA LEU B 274 26.20 2.83 28.42
C LEU B 274 26.57 2.26 29.79
N ASP B 275 25.80 2.61 30.80
CA ASP B 275 26.10 2.21 32.18
C ASP B 275 25.95 0.71 32.44
N THR B 276 24.82 0.15 32.03
CA THR B 276 24.49 -1.24 32.35
C THR B 276 24.93 -2.21 31.25
N ILE B 277 25.88 -1.78 30.42
CA ILE B 277 26.31 -2.59 29.29
C ILE B 277 27.79 -3.02 29.37
N LYS B 278 28.04 -4.27 29.02
CA LYS B 278 29.42 -4.75 28.93
C LYS B 278 29.96 -4.57 27.51
N GLN B 279 31.03 -3.80 27.40
CA GLN B 279 31.66 -3.56 26.10
C GLN B 279 32.93 -4.39 25.94
N TYR B 280 33.03 -5.05 24.79
CA TYR B 280 34.22 -5.84 24.49
C TYR B 280 34.68 -5.57 23.08
N TYR B 281 35.83 -6.12 22.75
CA TYR B 281 36.31 -6.14 21.39
C TYR B 281 37.27 -7.31 21.23
N VAL B 282 37.30 -7.86 20.03
CA VAL B 282 38.13 -9.01 19.75
C VAL B 282 38.97 -8.73 18.51
N LEU B 283 40.29 -8.84 18.65
CA LEU B 283 41.18 -8.65 17.53
C LEU B 283 41.07 -9.83 16.56
N CYS B 284 41.19 -9.54 15.27
CA CYS B 284 41.05 -10.58 14.24
C CYS B 284 41.89 -10.26 13.02
N SER B 285 42.49 -11.30 12.45
CA SER B 285 43.42 -11.15 11.33
C SER B 285 42.72 -10.77 10.03
N SER B 286 41.57 -11.40 9.77
CA SER B 286 40.81 -11.17 8.55
C SER B 286 39.33 -11.41 8.78
N ARG B 287 38.60 -11.58 7.69
CA ARG B 287 37.15 -11.73 7.74
C ARG B 287 36.74 -13.09 8.29
N ASP B 288 37.43 -14.14 7.85
CA ASP B 288 37.15 -15.49 8.33
C ASP B 288 37.57 -15.59 9.79
N GLU B 289 38.57 -14.81 10.17
CA GLU B 289 38.99 -14.71 11.56
C GLU B 289 37.86 -14.10 12.39
N LYS B 290 37.20 -13.10 11.84
CA LYS B 290 36.05 -12.49 12.50
C LYS B 290 34.91 -13.47 12.64
N PHE B 291 34.59 -14.19 11.56
CA PHE B 291 33.47 -15.12 11.57
C PHE B 291 33.66 -16.20 12.64
N GLN B 292 34.89 -16.70 12.76
CA GLN B 292 35.18 -17.71 13.76
C GLN B 292 35.05 -17.16 15.18
N ALA B 293 35.43 -15.89 15.37
CA ALA B 293 35.24 -15.24 16.66
C ALA B 293 33.76 -15.21 16.98
N LEU B 294 32.95 -14.89 15.97
CA LEU B 294 31.51 -14.85 16.13
C LEU B 294 30.96 -16.20 16.56
N CYS B 295 31.37 -17.25 15.85
CA CYS B 295 31.01 -18.62 16.21
C CYS B 295 31.41 -18.96 17.65
N ASN B 296 32.65 -18.65 18.00
CA ASN B 296 33.15 -18.87 19.37
C ASN B 296 32.28 -18.18 20.40
N LEU B 297 31.69 -17.06 20.00
CA LEU B 297 30.82 -16.27 20.85
C LEU B 297 29.41 -16.84 20.88
N TYR B 298 29.01 -17.46 19.77
CA TYR B 298 27.65 -17.96 19.61
C TYR B 298 27.30 -18.99 20.68
N GLY B 299 28.10 -20.05 20.77
CA GLY B 299 27.90 -21.07 21.78
C GLY B 299 28.25 -20.57 23.17
N ALA B 300 29.46 -20.05 23.33
CA ALA B 300 29.98 -19.62 24.63
C ALA B 300 28.95 -18.85 25.47
N ILE B 301 28.08 -18.10 24.81
CA ILE B 301 27.04 -17.35 25.51
C ILE B 301 25.65 -17.70 25.00
N THR B 302 24.63 -17.38 25.80
CA THR B 302 23.24 -17.60 25.41
C THR B 302 22.80 -16.51 24.44
N ILE B 303 23.27 -16.61 23.20
CA ILE B 303 23.01 -15.60 22.19
C ILE B 303 21.53 -15.58 21.78
N ALA B 304 20.85 -14.50 22.15
CA ALA B 304 19.45 -14.31 21.78
C ALA B 304 19.20 -12.82 21.60
N GLN B 305 18.17 -12.48 20.82
CA GLN B 305 17.85 -11.08 20.59
C GLN B 305 19.10 -10.29 20.22
N ALA B 306 19.90 -10.84 19.32
CA ALA B 306 21.16 -10.23 18.95
C ALA B 306 21.12 -9.65 17.55
N MET B 307 21.71 -8.46 17.39
CA MET B 307 21.79 -7.81 16.09
C MET B 307 23.25 -7.70 15.65
N ILE B 308 23.50 -8.05 14.39
CA ILE B 308 24.85 -7.94 13.85
C ILE B 308 24.92 -6.97 12.67
N PHE B 309 25.79 -5.97 12.80
CA PHE B 309 25.90 -4.91 11.82
C PHE B 309 27.10 -5.07 10.90
N CYS B 310 26.90 -4.76 9.63
CA CYS B 310 27.95 -4.85 8.62
C CYS B 310 27.92 -3.63 7.73
N HIS B 311 29.04 -3.30 7.09
CA HIS B 311 29.12 -2.14 6.23
C HIS B 311 28.31 -2.30 4.93
N THR B 312 28.54 -3.40 4.22
CA THR B 312 27.97 -3.56 2.89
C THR B 312 27.00 -4.71 2.81
N ARG B 313 26.21 -4.74 1.75
CA ARG B 313 25.25 -5.81 1.55
C ARG B 313 25.98 -7.14 1.42
N LYS B 314 27.08 -7.15 0.69
CA LYS B 314 27.83 -8.39 0.42
C LYS B 314 28.38 -9.04 1.69
N THR B 315 28.88 -8.21 2.61
CA THR B 315 29.33 -8.71 3.91
C THR B 315 28.16 -9.33 4.68
N ALA B 316 27.03 -8.62 4.71
CA ALA B 316 25.86 -9.07 5.45
C ALA B 316 25.27 -10.37 4.90
N SER B 317 25.11 -10.47 3.59
CA SER B 317 24.57 -11.71 3.00
C SER B 317 25.53 -12.88 3.16
N TRP B 318 26.83 -12.62 2.99
CA TRP B 318 27.84 -13.65 3.19
C TRP B 318 27.74 -14.17 4.61
N LEU B 319 27.69 -13.23 5.55
CA LEU B 319 27.71 -13.57 6.96
C LEU B 319 26.43 -14.28 7.39
N ALA B 320 25.33 -13.94 6.73
CA ALA B 320 24.03 -14.52 7.06
C ALA B 320 23.90 -15.92 6.47
N ALA B 321 24.50 -16.13 5.30
CA ALA B 321 24.52 -17.44 4.68
C ALA B 321 25.45 -18.34 5.46
N GLU B 322 26.70 -17.91 5.57
CA GLU B 322 27.74 -18.67 6.28
C GLU B 322 27.32 -19.06 7.69
N LEU B 323 26.40 -18.30 8.28
CA LEU B 323 25.90 -18.61 9.62
C LEU B 323 24.94 -19.80 9.61
N SER B 324 23.94 -19.77 8.73
CA SER B 324 23.01 -20.89 8.61
C SER B 324 23.72 -22.10 8.02
N LYS B 325 24.68 -21.82 7.15
CA LYS B 325 25.54 -22.83 6.55
C LYS B 325 26.43 -23.46 7.61
N GLU B 326 26.47 -22.84 8.78
CA GLU B 326 27.29 -23.34 9.89
C GLU B 326 26.41 -23.89 11.02
N GLY B 327 25.11 -23.64 10.95
CA GLY B 327 24.17 -24.24 11.89
C GLY B 327 23.32 -23.27 12.69
N HIS B 328 23.51 -21.98 12.47
CA HIS B 328 22.77 -20.96 13.21
C HIS B 328 21.86 -20.15 12.30
N GLN B 329 20.57 -20.16 12.59
CA GLN B 329 19.59 -19.42 11.78
C GLN B 329 19.60 -17.92 12.08
N VAL B 330 19.44 -17.12 11.04
CA VAL B 330 19.43 -15.68 11.17
C VAL B 330 18.44 -15.03 10.22
N ALA B 331 18.09 -13.78 10.51
CA ALA B 331 17.23 -12.98 9.66
C ALA B 331 18.04 -11.83 9.08
N LEU B 332 17.88 -11.58 7.79
CA LEU B 332 18.70 -10.58 7.09
C LEU B 332 17.91 -9.33 6.74
N LEU B 333 18.55 -8.17 6.89
CA LEU B 333 17.96 -6.90 6.52
C LEU B 333 18.85 -6.19 5.51
N SER B 334 18.49 -6.28 4.22
CA SER B 334 19.31 -5.68 3.17
C SER B 334 18.55 -4.65 2.33
N GLY B 335 19.30 -3.92 1.50
CA GLY B 335 18.75 -2.81 0.76
C GLY B 335 17.76 -3.13 -0.34
N GLU B 336 17.76 -4.36 -0.84
CA GLU B 336 16.84 -4.73 -1.91
C GLU B 336 15.42 -4.95 -1.38
N MET B 337 15.28 -5.06 -0.07
CA MET B 337 13.98 -5.25 0.55
C MET B 337 13.18 -3.96 0.62
N MET B 338 11.91 -4.02 0.25
CA MET B 338 11.03 -2.86 0.36
C MET B 338 10.71 -2.59 1.83
N VAL B 339 10.22 -1.39 2.12
CA VAL B 339 10.02 -0.97 3.50
C VAL B 339 9.06 -1.88 4.29
N GLU B 340 7.96 -2.29 3.66
CA GLU B 340 7.03 -3.18 4.35
C GLU B 340 7.69 -4.54 4.59
N GLN B 341 8.54 -4.93 3.65
CA GLN B 341 9.28 -6.18 3.76
C GLN B 341 10.26 -6.10 4.92
N ARG B 342 10.93 -4.97 5.02
CA ARG B 342 11.81 -4.70 6.17
C ARG B 342 11.03 -4.74 7.47
N ALA B 343 9.87 -4.10 7.51
CA ALA B 343 9.04 -4.08 8.72
C ALA B 343 8.67 -5.49 9.16
N ALA B 344 8.27 -6.33 8.22
CA ALA B 344 7.85 -7.70 8.52
C ALA B 344 8.97 -8.53 9.15
N VAL B 345 10.20 -8.30 8.67
CA VAL B 345 11.35 -9.02 9.19
C VAL B 345 11.71 -8.54 10.59
N ILE B 346 11.63 -7.22 10.78
CA ILE B 346 11.85 -6.64 12.09
C ILE B 346 10.79 -7.12 13.08
N GLU B 347 9.57 -7.31 12.60
CA GLU B 347 8.49 -7.82 13.45
C GLU B 347 8.80 -9.25 13.90
N ARG B 348 9.00 -10.15 12.94
CA ARG B 348 9.29 -11.55 13.27
C ARG B 348 10.40 -11.65 14.29
N PHE B 349 11.42 -10.82 14.12
CA PHE B 349 12.54 -10.80 15.06
C PHE B 349 12.07 -10.46 16.48
N ARG B 350 11.17 -9.49 16.61
CA ARG B 350 10.64 -9.10 17.91
C ARG B 350 9.75 -10.20 18.50
N GLU B 351 9.04 -10.91 17.63
CA GLU B 351 8.20 -12.01 18.05
C GLU B 351 9.06 -13.05 18.77
N GLY B 352 10.35 -13.05 18.47
CA GLY B 352 11.24 -14.06 18.98
C GLY B 352 11.39 -15.17 17.97
N LYS B 353 10.60 -15.10 16.90
CA LYS B 353 10.70 -16.07 15.82
C LYS B 353 12.09 -16.05 15.23
N GLU B 354 12.80 -14.94 15.41
CA GLU B 354 14.19 -14.82 15.00
C GLU B 354 15.07 -14.53 16.21
N LYS B 355 16.16 -15.27 16.33
CA LYS B 355 17.09 -15.06 17.43
C LYS B 355 18.12 -14.00 17.06
N VAL B 356 18.61 -14.08 15.83
CA VAL B 356 19.64 -13.15 15.37
C VAL B 356 19.23 -12.46 14.09
N LEU B 357 19.54 -11.18 14.02
CA LEU B 357 19.20 -10.36 12.87
C LEU B 357 20.48 -9.74 12.32
N VAL B 358 20.76 -9.98 11.05
CA VAL B 358 21.89 -9.37 10.39
C VAL B 358 21.41 -8.20 9.54
N THR B 359 22.11 -7.08 9.60
CA THR B 359 21.67 -5.89 8.89
C THR B 359 22.84 -5.06 8.39
N THR B 360 22.62 -4.35 7.30
CA THR B 360 23.62 -3.41 6.82
C THR B 360 23.57 -2.19 7.73
N ASN B 361 24.61 -1.35 7.64
CA ASN B 361 24.64 -0.14 8.45
C ASN B 361 23.60 0.85 7.99
N VAL B 362 23.37 0.87 6.68
CA VAL B 362 22.43 1.80 6.07
C VAL B 362 20.98 1.44 6.34
N CYS B 363 20.68 0.14 6.34
CA CYS B 363 19.31 -0.32 6.55
C CYS B 363 18.88 -0.25 8.03
N ALA B 364 19.83 0.08 8.90
CA ALA B 364 19.57 0.05 10.33
C ALA B 364 19.63 1.45 10.94
N ARG B 365 20.13 2.41 10.18
CA ARG B 365 20.29 3.77 10.67
C ARG B 365 18.96 4.43 11.00
N GLY B 366 18.80 4.82 12.26
CA GLY B 366 17.63 5.58 12.68
C GLY B 366 16.46 4.70 13.04
N ILE B 367 16.60 3.40 12.89
CA ILE B 367 15.48 2.49 13.13
C ILE B 367 15.41 2.05 14.59
N ASP B 368 14.32 2.41 15.25
CA ASP B 368 14.09 2.06 16.64
C ASP B 368 13.76 0.57 16.77
N VAL B 369 14.72 -0.30 16.45
CA VAL B 369 14.51 -1.72 16.70
C VAL B 369 14.57 -1.96 18.22
N GLU B 370 13.80 -2.93 18.70
CA GLU B 370 13.59 -3.09 20.12
C GLU B 370 13.82 -4.53 20.56
N GLN B 371 14.03 -4.73 21.86
CA GLN B 371 14.25 -6.05 22.42
C GLN B 371 15.58 -6.66 21.97
N VAL B 372 16.65 -5.88 22.07
CA VAL B 372 17.98 -6.35 21.69
C VAL B 372 18.91 -6.38 22.90
N SER B 373 19.31 -7.59 23.30
CA SER B 373 20.18 -7.76 24.46
C SER B 373 21.65 -7.74 24.04
N VAL B 374 21.93 -8.29 22.86
CA VAL B 374 23.30 -8.45 22.39
C VAL B 374 23.52 -7.71 21.07
N VAL B 375 24.63 -6.98 20.97
CA VAL B 375 24.99 -6.31 19.73
C VAL B 375 26.40 -6.71 19.28
N ILE B 376 26.52 -7.07 18.01
CA ILE B 376 27.82 -7.41 17.44
C ILE B 376 28.18 -6.47 16.29
N ASN B 377 29.04 -5.52 16.55
CA ASN B 377 29.53 -4.67 15.47
C ASN B 377 30.59 -5.38 14.65
N PHE B 378 30.15 -6.24 13.74
CA PHE B 378 31.06 -6.96 12.86
C PHE B 378 32.03 -5.96 12.23
N ASP B 379 31.51 -4.78 11.94
CA ASP B 379 32.32 -3.67 11.42
C ASP B 379 32.00 -2.41 12.23
N LEU B 380 33.03 -1.65 12.60
CA LEU B 380 32.83 -0.46 13.42
C LEU B 380 32.10 0.65 12.68
N PRO B 381 31.12 1.27 13.36
CA PRO B 381 30.30 2.35 12.79
C PRO B 381 31.12 3.59 12.44
N VAL B 382 31.29 3.84 11.15
CA VAL B 382 32.08 4.98 10.70
C VAL B 382 31.22 6.07 10.05
N ASP B 383 31.47 7.32 10.41
CA ASP B 383 30.74 8.47 9.86
C ASP B 383 31.14 8.74 8.42
N LYS B 384 30.44 9.69 7.80
CA LYS B 384 30.71 10.05 6.40
C LYS B 384 32.10 10.68 6.25
N ASP B 385 32.66 11.15 7.37
CA ASP B 385 33.98 11.75 7.36
C ASP B 385 35.06 10.68 7.47
N GLY B 386 34.62 9.43 7.60
CA GLY B 386 35.52 8.31 7.80
C GLY B 386 35.85 8.13 9.27
N ASN B 387 35.33 9.03 10.09
CA ASN B 387 35.59 9.03 11.53
C ASN B 387 34.49 8.34 12.33
N PRO B 388 34.81 7.92 13.56
CA PRO B 388 33.88 7.21 14.44
C PRO B 388 32.49 7.85 14.47
N ASP B 389 31.46 7.04 14.27
CA ASP B 389 30.08 7.51 14.34
C ASP B 389 29.47 7.19 15.71
N ASN B 390 29.80 8.01 16.69
CA ASN B 390 29.42 7.75 18.07
C ASN B 390 27.90 7.77 18.30
N GLU B 391 27.21 8.67 17.61
CA GLU B 391 25.76 8.74 17.73
C GLU B 391 25.17 7.35 17.45
N THR B 392 25.50 6.82 16.28
CA THR B 392 25.02 5.50 15.87
C THR B 392 25.44 4.42 16.87
N TYR B 393 26.71 4.44 17.26
CA TYR B 393 27.20 3.50 18.26
C TYR B 393 26.28 3.50 19.46
N LEU B 394 26.12 4.67 20.07
CA LEU B 394 25.23 4.83 21.21
C LEU B 394 23.82 4.34 20.91
N HIS B 395 23.29 4.73 19.74
CA HIS B 395 21.96 4.31 19.32
C HIS B 395 21.79 2.79 19.40
N ARG B 396 22.70 2.05 18.76
CA ARG B 396 22.61 0.59 18.71
C ARG B 396 22.71 -0.04 20.09
N ILE B 397 23.75 0.33 20.83
CA ILE B 397 24.04 -0.30 22.11
C ILE B 397 23.16 0.25 23.21
N GLY B 398 22.91 1.55 23.16
CA GLY B 398 22.11 2.25 24.17
C GLY B 398 20.87 1.49 24.59
N ARG B 399 20.08 1.06 23.62
CA ARG B 399 18.85 0.31 23.89
C ARG B 399 18.09 0.83 25.11
N GLY B 404 17.31 -0.11 33.77
CA GLY B 404 17.23 -0.73 32.46
C GLY B 404 17.87 -2.11 32.43
N LYS B 405 17.38 -2.96 31.54
CA LYS B 405 17.88 -4.34 31.44
C LYS B 405 19.34 -4.38 31.02
N ARG B 406 19.97 -5.54 31.24
CA ARG B 406 21.41 -5.69 30.99
C ARG B 406 21.73 -5.88 29.50
N GLY B 407 22.75 -5.16 29.03
CA GLY B 407 23.13 -5.22 27.62
C GLY B 407 24.59 -5.62 27.42
N LEU B 408 24.93 -5.95 26.18
CA LEU B 408 26.28 -6.41 25.86
C LEU B 408 26.65 -6.08 24.41
N ALA B 409 27.85 -5.52 24.23
CA ALA B 409 28.35 -5.22 22.90
C ALA B 409 29.70 -5.88 22.62
N VAL B 410 29.90 -6.28 21.37
CA VAL B 410 31.15 -6.91 20.97
C VAL B 410 31.60 -6.35 19.62
N ASN B 411 32.76 -5.72 19.60
CA ASN B 411 33.28 -5.15 18.36
C ASN B 411 34.41 -5.95 17.74
N MET B 412 34.29 -6.26 16.45
CA MET B 412 35.37 -6.92 15.73
C MET B 412 36.36 -5.91 15.19
N VAL B 413 37.62 -6.03 15.61
CA VAL B 413 38.69 -5.17 15.13
C VAL B 413 39.60 -5.95 14.19
N ASP B 414 39.89 -5.38 13.03
CA ASP B 414 40.57 -6.11 11.95
C ASP B 414 41.81 -5.39 11.42
N SER B 415 42.20 -4.30 12.07
CA SER B 415 43.34 -3.51 11.61
C SER B 415 43.81 -2.51 12.66
N LYS B 416 45.00 -1.97 12.45
CA LYS B 416 45.52 -0.91 13.30
C LYS B 416 44.70 0.36 13.10
N HIS B 417 43.98 0.42 11.97
CA HIS B 417 43.17 1.58 11.64
C HIS B 417 41.85 1.60 12.39
N SER B 418 41.16 0.46 12.40
CA SER B 418 39.87 0.36 13.08
C SER B 418 40.05 0.38 14.60
N MET B 419 41.18 -0.13 15.07
CA MET B 419 41.51 -0.07 16.50
C MET B 419 41.70 1.37 16.92
N ASN B 420 42.14 2.20 15.98
CA ASN B 420 42.24 3.63 16.21
C ASN B 420 40.84 4.19 16.42
N ILE B 421 39.90 3.72 15.60
CA ILE B 421 38.50 4.10 15.73
C ILE B 421 37.93 3.64 17.06
N LEU B 422 38.19 2.38 17.41
CA LEU B 422 37.68 1.84 18.67
C LEU B 422 38.18 2.64 19.88
N ASN B 423 39.46 3.02 19.86
CA ASN B 423 40.03 3.78 20.96
C ASN B 423 39.39 5.17 21.07
N ARG B 424 39.10 5.77 19.92
CA ARG B 424 38.49 7.10 19.89
C ARG B 424 37.03 7.05 20.32
N ILE B 425 36.41 5.88 20.19
CA ILE B 425 35.06 5.65 20.67
C ILE B 425 35.10 5.42 22.18
N GLN B 426 36.06 4.62 22.62
CA GLN B 426 36.27 4.40 24.03
C GLN B 426 36.59 5.73 24.71
N GLU B 427 37.41 6.52 24.05
CA GLU B 427 37.80 7.83 24.55
C GLU B 427 36.59 8.76 24.61
N HIS B 428 35.85 8.84 23.51
CA HIS B 428 34.68 9.70 23.41
C HIS B 428 33.69 9.47 24.56
N PHE B 429 33.43 8.21 24.87
CA PHE B 429 32.45 7.86 25.90
C PHE B 429 33.09 7.68 27.28
N ASN B 430 34.43 7.63 27.31
CA ASN B 430 35.15 7.41 28.56
C ASN B 430 34.72 6.14 29.30
N LYS B 431 34.30 5.13 28.54
CA LYS B 431 33.94 3.83 29.12
C LYS B 431 34.86 2.75 28.54
N LYS B 432 35.19 1.75 29.33
CA LYS B 432 36.16 0.75 28.86
C LYS B 432 35.56 -0.30 27.92
N ILE B 433 36.16 -0.41 26.74
CA ILE B 433 35.88 -1.50 25.83
C ILE B 433 36.94 -2.56 26.03
N GLU B 434 36.70 -3.46 26.97
CA GLU B 434 37.70 -4.45 27.38
C GLU B 434 38.02 -5.49 26.30
N ARG B 435 39.31 -5.66 26.01
CA ARG B 435 39.75 -6.63 25.02
C ARG B 435 39.39 -8.04 25.46
N LEU B 436 38.95 -8.84 24.51
CA LEU B 436 38.54 -10.20 24.79
C LEU B 436 39.10 -11.10 23.70
N ASP B 437 39.49 -12.32 24.07
CA ASP B 437 39.94 -13.27 23.07
C ASP B 437 38.92 -14.40 22.92
N THR B 438 38.69 -14.81 21.68
CA THR B 438 37.64 -15.76 21.36
C THR B 438 37.61 -16.97 22.29
N ASP B 439 38.77 -17.56 22.54
CA ASP B 439 38.88 -18.80 23.30
C ASP B 439 38.44 -18.64 24.76
N ASP B 440 38.58 -17.43 25.29
CA ASP B 440 38.21 -17.16 26.68
C ASP B 440 36.86 -16.45 26.78
N LEU B 441 36.06 -16.55 25.72
CA LEU B 441 34.75 -15.91 25.69
C LEU B 441 33.76 -16.64 26.59
PB ADP C . -7.31 -13.79 -11.81
O1B ADP C . -7.79 -14.62 -12.97
O2B ADP C . -5.84 -13.88 -11.55
O3B ADP C . -7.86 -12.37 -11.81
PA ADP C . -7.23 -14.95 -9.21
O1A ADP C . -6.83 -13.71 -8.45
O2A ADP C . -6.18 -15.96 -9.61
O3A ADP C . -8.02 -14.44 -10.51
O5' ADP C . -8.37 -15.67 -8.35
C5' ADP C . -9.70 -15.14 -8.32
C4' ADP C . -10.27 -15.43 -6.94
O4' ADP C . -10.56 -16.82 -6.83
C3' ADP C . -9.26 -15.12 -5.86
O3' ADP C . -10.02 -14.61 -4.76
C2' ADP C . -8.67 -16.46 -5.47
O2' ADP C . -8.33 -16.49 -4.07
C1' ADP C . -9.78 -17.43 -5.80
N9 ADP C . -9.27 -18.72 -6.34
C8 ADP C . -8.32 -18.87 -7.28
N7 ADP C . -8.12 -20.18 -7.56
C5 ADP C . -8.96 -20.90 -6.79
C6 ADP C . -9.26 -22.34 -6.58
N6 ADP C . -8.61 -23.30 -7.27
N1 ADP C . -10.21 -22.65 -5.67
C2 ADP C . -10.86 -21.70 -4.98
N3 ADP C . -10.64 -20.38 -5.12
C4 ADP C . -9.72 -19.92 -5.99
PB ADP D . 4.03 10.11 17.09
O1B ADP D . 4.02 11.02 18.30
O2B ADP D . 3.14 10.56 15.96
O3B ADP D . 5.41 9.70 16.67
PA ADP D . 1.84 8.30 17.33
O1A ADP D . 1.81 7.63 15.97
O2A ADP D . 0.91 9.46 17.59
O3A ADP D . 3.36 8.74 17.63
O5' ADP D . 1.56 7.14 18.42
C5' ADP D . 2.65 6.38 18.98
C4' ADP D . 2.18 4.94 19.20
O4' ADP D . 1.52 4.80 20.46
C3' ADP D . 1.18 4.49 18.15
O3' ADP D . 1.41 3.10 17.93
C2' ADP D . -0.18 4.65 18.80
O2' ADP D . -1.09 3.63 18.37
C1' ADP D . 0.12 4.56 20.29
N9 ADP D . -0.58 5.60 21.06
C8 ADP D . -0.57 6.93 20.79
N7 ADP D . -1.29 7.61 21.72
C5 ADP D . -1.78 6.71 22.60
C6 ADP D . -2.63 6.74 23.81
N6 ADP D . -3.12 7.91 24.29
N1 ADP D . -2.90 5.57 24.42
C2 ADP D . -2.42 4.39 23.97
N3 ADP D . -1.65 4.29 22.87
C4 ADP D . -1.31 5.38 22.16
#